data_4UN0
#
_entry.id   4UN0
#
_cell.length_a   49.580
_cell.length_b   148.780
_cell.length_c   92.150
_cell.angle_alpha   90.00
_cell.angle_beta   94.22
_cell.angle_gamma   90.00
#
_symmetry.space_group_name_H-M   'P 1 21 1'
#
loop_
_entity.id
_entity.type
_entity.pdbx_description
1 polymer CYCLIN-K
2 polymer 'CYCLIN-DEPENDENT KINASE 12'
#
loop_
_entity_poly.entity_id
_entity_poly.type
_entity_poly.pdbx_seq_one_letter_code
_entity_poly.pdbx_strand_id
1 'polypeptide(L)'
;SMSVTSANLDHTKPCWYWDKKDLAHTPSQLEGLDPATEARYRREGARFIFDVGTRLGLHYDTLATGIIYFHRFYMFHSFK
QFPRYVTGACCLFLAGKVEETPKKCKDIIKTARSLLNDVQFGQFGDDPKEEVMVLERILLQTIKFDLQVEHPYQFLLKYA
KQLKGDKNKIQKLVQMAWTFVNDSLCTTLSLQWEPEIIAVAVMYLAGRLCKFEIQEWTSKPMYRRWWEQFVQDVPVDVLE
DICHQILDLYSQGKQQMPH
;
A,B
2 'polypeptide(L)'
;SMTESDWGKRCVDKFDIIGIIGEGTYGQVYKAKDKDTGELVALKKVRLDNEKEGFPITAIREIKILRQLIHRSVVNMKEI
VTDKQDALDFKKDKGAFYLVFEYMDHDLMGLLESGLVHFSEDHIKSFMKQLMEGLEYCHKKNFLHRDIKCSNILLNNSGQ
IKLADFGLARLYNSEESRPY(TPO)NKVITLWYRPPELLLGEERYTPAIDVWSCGCILGELFTKKPIFQANLELAQLELI
SRLCGSPCPAVWPDVIKLPYFNTMKPKKQYRRRLREEFSFIPSAALDLLDHMLTLDPSKRCTAEQTLQSDFLKDVELSKM
APPDLPHWQD
;
C,D
#
# COMPACT_ATOMS: atom_id res chain seq x y z
N PRO A 14 -0.21 18.14 -4.00
CA PRO A 14 -0.14 16.83 -3.34
C PRO A 14 0.13 16.96 -1.84
N CYS A 15 -0.65 16.25 -1.02
CA CYS A 15 -0.47 16.28 0.42
C CYS A 15 0.54 15.22 0.86
N TRP A 16 1.62 15.65 1.50
CA TRP A 16 2.68 14.74 1.90
C TRP A 16 2.78 14.56 3.41
N TYR A 17 1.65 14.53 4.09
CA TYR A 17 1.66 14.40 5.54
C TYR A 17 0.58 13.44 6.06
N TRP A 18 1.02 12.38 6.73
CA TRP A 18 0.13 11.37 7.31
C TRP A 18 0.08 11.54 8.84
N ASP A 19 -0.75 10.74 9.49
CA ASP A 19 -0.78 10.72 10.96
C ASP A 19 -0.32 9.34 11.41
N LYS A 20 -0.06 9.18 12.71
CA LYS A 20 0.53 7.95 13.25
C LYS A 20 -0.34 6.71 13.03
N LYS A 21 -1.64 6.93 12.90
CA LYS A 21 -2.56 5.85 12.61
C LYS A 21 -2.30 5.32 11.19
N ASP A 22 -2.01 6.25 10.27
CA ASP A 22 -1.70 5.89 8.89
C ASP A 22 -0.31 5.27 8.80
N LEU A 23 0.60 5.77 9.64
CA LEU A 23 1.97 5.27 9.66
C LEU A 23 2.03 3.86 10.25
N ALA A 24 0.97 3.48 10.95
CA ALA A 24 0.87 2.14 11.52
C ALA A 24 0.22 1.17 10.52
N HIS A 25 -0.03 1.66 9.32
CA HIS A 25 -0.65 0.84 8.28
C HIS A 25 0.02 1.03 6.93
N THR A 26 1.34 1.19 6.94
CA THR A 26 2.13 1.32 5.72
C THR A 26 2.17 0.01 4.94
N PRO A 27 2.34 0.09 3.60
CA PRO A 27 2.47 -1.08 2.73
C PRO A 27 3.44 -2.14 3.24
N SER A 28 4.45 -1.71 3.99
CA SER A 28 5.41 -2.65 4.59
C SER A 28 4.74 -3.48 5.68
N GLN A 29 4.09 -2.79 6.62
CA GLN A 29 3.44 -3.46 7.74
C GLN A 29 2.22 -4.26 7.29
N LEU A 30 1.65 -3.89 6.16
CA LEU A 30 0.52 -4.62 5.59
C LEU A 30 0.95 -6.01 5.15
N GLU A 31 2.22 -6.14 4.77
CA GLU A 31 2.75 -7.43 4.35
C GLU A 31 3.27 -8.22 5.55
N GLY A 32 3.00 -7.72 6.76
CA GLY A 32 3.34 -8.44 7.97
C GLY A 32 4.66 -8.03 8.59
N LEU A 33 5.19 -6.89 8.18
CA LEU A 33 6.46 -6.42 8.72
C LEU A 33 6.30 -5.84 10.12
N ASP A 34 7.23 -6.18 11.01
CA ASP A 34 7.24 -5.69 12.38
C ASP A 34 7.46 -4.17 12.37
N PRO A 35 6.52 -3.42 12.97
CA PRO A 35 6.59 -1.96 13.09
C PRO A 35 7.93 -1.46 13.64
N ALA A 36 8.54 -2.24 14.53
CA ALA A 36 9.83 -1.90 15.09
C ALA A 36 10.96 -2.14 14.07
N THR A 37 10.72 -3.09 13.16
CA THR A 37 11.71 -3.41 12.14
C THR A 37 11.71 -2.36 11.03
N GLU A 38 10.53 -1.88 10.66
CA GLU A 38 10.42 -0.83 9.66
C GLU A 38 11.07 0.46 10.15
N ALA A 39 10.91 0.74 11.45
CA ALA A 39 11.56 1.87 12.08
C ALA A 39 13.07 1.74 11.97
N ARG A 40 13.56 0.51 12.13
CA ARG A 40 14.98 0.22 12.00
C ARG A 40 15.43 0.35 10.55
N TYR A 41 14.60 -0.11 9.63
CA TYR A 41 14.92 -0.04 8.20
C TYR A 41 14.99 1.40 7.71
N ARG A 42 14.13 2.26 8.25
CA ARG A 42 14.15 3.67 7.89
C ARG A 42 15.37 4.37 8.47
N ARG A 43 15.78 3.97 9.67
CA ARG A 43 16.99 4.50 10.29
C ARG A 43 18.22 4.15 9.46
N GLU A 44 18.35 2.88 9.12
CA GLU A 44 19.47 2.41 8.32
C GLU A 44 19.50 3.09 6.96
N GLY A 45 18.33 3.18 6.32
CA GLY A 45 18.22 3.80 5.01
C GLY A 45 18.57 5.28 4.99
N ALA A 46 18.00 6.02 5.93
CA ALA A 46 18.25 7.46 6.03
C ALA A 46 19.71 7.74 6.34
N ARG A 47 20.26 7.00 7.30
CA ARG A 47 21.66 7.18 7.69
C ARG A 47 22.58 6.76 6.55
N PHE A 48 22.11 5.85 5.72
CA PHE A 48 22.87 5.42 4.55
C PHE A 48 23.03 6.57 3.57
N ILE A 49 21.91 7.22 3.23
CA ILE A 49 21.93 8.35 2.31
C ILE A 49 22.78 9.47 2.89
N PHE A 50 22.72 9.63 4.21
CA PHE A 50 23.50 10.65 4.90
C PHE A 50 24.99 10.37 4.79
N ASP A 51 25.37 9.10 4.87
CA ASP A 51 26.77 8.71 4.84
C ASP A 51 27.37 8.80 3.43
N VAL A 52 26.68 8.23 2.45
CA VAL A 52 27.16 8.22 1.07
C VAL A 52 27.32 9.63 0.52
N GLY A 53 26.34 10.49 0.83
CA GLY A 53 26.38 11.86 0.36
C GLY A 53 27.44 12.69 1.05
N THR A 54 27.74 12.36 2.30
CA THR A 54 28.76 13.07 3.07
C THR A 54 30.15 12.82 2.49
N ARG A 55 30.42 11.57 2.14
CA ARG A 55 31.72 11.20 1.58
C ARG A 55 31.91 11.78 0.18
N LEU A 56 30.79 12.15 -0.45
CA LEU A 56 30.84 12.83 -1.73
C LEU A 56 30.79 14.34 -1.56
N GLY A 57 30.77 14.79 -0.31
CA GLY A 57 30.78 16.20 0.00
C GLY A 57 29.56 16.95 -0.52
N LEU A 58 28.37 16.51 -0.12
CA LEU A 58 27.14 17.10 -0.62
C LEU A 58 26.52 18.09 0.36
N HIS A 59 25.80 19.06 -0.19
CA HIS A 59 25.04 20.05 0.59
C HIS A 59 24.10 19.34 1.56
N TYR A 60 23.90 19.94 2.74
CA TYR A 60 23.07 19.33 3.78
C TYR A 60 21.59 19.25 3.38
N ASP A 61 21.18 20.07 2.42
CA ASP A 61 19.83 20.03 1.88
C ASP A 61 19.68 18.89 0.88
N THR A 62 20.74 18.63 0.12
CA THR A 62 20.75 17.54 -0.85
C THR A 62 20.56 16.21 -0.14
N LEU A 63 21.17 16.08 1.04
CA LEU A 63 21.04 14.87 1.85
C LEU A 63 19.60 14.73 2.33
N ALA A 64 19.05 15.82 2.86
CA ALA A 64 17.69 15.82 3.40
C ALA A 64 16.65 15.63 2.31
N THR A 65 16.94 16.12 1.12
CA THR A 65 16.03 15.98 -0.01
C THR A 65 15.88 14.51 -0.38
N GLY A 66 17.00 13.80 -0.43
CA GLY A 66 16.99 12.39 -0.75
C GLY A 66 16.27 11.57 0.30
N ILE A 67 16.52 11.89 1.57
CA ILE A 67 15.90 11.18 2.68
C ILE A 67 14.37 11.34 2.67
N ILE A 68 13.90 12.53 2.34
CA ILE A 68 12.47 12.77 2.25
C ILE A 68 11.87 11.99 1.08
N TYR A 69 12.61 11.89 -0.02
CA TYR A 69 12.21 11.03 -1.12
C TYR A 69 12.12 9.58 -0.64
N PHE A 70 13.10 9.18 0.17
CA PHE A 70 13.18 7.82 0.71
C PHE A 70 12.00 7.50 1.61
N HIS A 71 11.68 8.41 2.53
CA HIS A 71 10.57 8.22 3.45
C HIS A 71 9.23 8.19 2.72
N ARG A 72 9.07 9.07 1.75
CA ARG A 72 7.82 9.16 0.98
C ARG A 72 7.64 7.94 0.08
N PHE A 73 8.75 7.39 -0.41
CA PHE A 73 8.72 6.23 -1.28
C PHE A 73 8.07 5.03 -0.59
N TYR A 74 8.43 4.82 0.68
CA TYR A 74 7.95 3.67 1.42
C TYR A 74 6.63 3.93 2.13
N MET A 75 5.91 4.93 1.64
CA MET A 75 4.52 5.14 2.04
C MET A 75 3.62 4.52 0.98
N PHE A 76 4.23 4.13 -0.13
CA PHE A 76 3.52 3.54 -1.24
C PHE A 76 4.14 2.20 -1.66
N HIS A 77 5.23 1.84 -1.01
CA HIS A 77 5.94 0.60 -1.34
C HIS A 77 6.44 -0.11 -0.09
N SER A 78 6.55 -1.43 -0.17
CA SER A 78 7.00 -2.25 0.95
C SER A 78 8.50 -2.49 0.92
N PHE A 79 9.10 -2.59 2.10
CA PHE A 79 10.53 -2.89 2.21
C PHE A 79 10.81 -4.33 1.79
N LYS A 80 9.78 -5.16 1.83
CA LYS A 80 9.93 -6.57 1.46
C LYS A 80 9.99 -6.74 -0.06
N GLN A 81 9.60 -5.70 -0.78
CA GLN A 81 9.59 -5.76 -2.24
C GLN A 81 10.71 -4.92 -2.84
N PHE A 82 11.14 -3.90 -2.10
CA PHE A 82 12.20 -3.00 -2.57
C PHE A 82 13.29 -2.86 -1.51
N PRO A 83 14.52 -3.30 -1.85
CA PRO A 83 15.66 -3.20 -0.95
C PRO A 83 15.99 -1.74 -0.63
N ARG A 84 16.21 -1.45 0.65
CA ARG A 84 16.32 -0.07 1.12
C ARG A 84 17.57 0.66 0.63
N TYR A 85 18.70 -0.03 0.63
CA TYR A 85 19.97 0.61 0.26
C TYR A 85 20.00 0.95 -1.23
N VAL A 86 19.34 0.15 -2.04
CA VAL A 86 19.24 0.42 -3.47
C VAL A 86 18.35 1.64 -3.70
N THR A 87 17.26 1.71 -2.96
CA THR A 87 16.33 2.83 -3.08
C THR A 87 16.96 4.12 -2.60
N GLY A 88 17.69 4.04 -1.48
CA GLY A 88 18.37 5.20 -0.93
C GLY A 88 19.39 5.79 -1.88
N ALA A 89 20.12 4.91 -2.55
CA ALA A 89 21.11 5.33 -3.54
C ALA A 89 20.42 6.01 -4.72
N CYS A 90 19.24 5.52 -5.07
CA CYS A 90 18.46 6.10 -6.15
C CYS A 90 17.90 7.46 -5.76
N CYS A 91 17.54 7.61 -4.48
CA CYS A 91 17.04 8.87 -3.97
C CYS A 91 18.13 9.94 -3.97
N LEU A 92 19.31 9.55 -3.46
CA LEU A 92 20.45 10.46 -3.41
C LEU A 92 20.87 10.92 -4.80
N PHE A 93 20.79 10.00 -5.76
CA PHE A 93 21.12 10.31 -7.15
C PHE A 93 20.18 11.36 -7.73
N LEU A 94 18.87 11.15 -7.53
CA LEU A 94 17.86 12.08 -8.02
C LEU A 94 17.94 13.42 -7.30
N ALA A 95 18.23 13.38 -6.00
CA ALA A 95 18.31 14.58 -5.19
C ALA A 95 19.47 15.48 -5.62
N GLY A 96 20.55 14.86 -6.09
CA GLY A 96 21.71 15.60 -6.55
C GLY A 96 21.40 16.43 -7.79
N LYS A 97 20.51 15.93 -8.63
CA LYS A 97 20.12 16.64 -9.85
C LYS A 97 19.08 17.72 -9.54
N VAL A 98 18.20 17.43 -8.60
CA VAL A 98 17.17 18.38 -8.19
C VAL A 98 17.79 19.59 -7.50
N GLU A 99 18.66 19.32 -6.53
CA GLU A 99 19.34 20.39 -5.79
C GLU A 99 20.53 20.94 -6.57
N GLU A 100 20.69 20.46 -7.80
CA GLU A 100 21.75 20.90 -8.72
C GLU A 100 23.14 20.81 -8.10
N THR A 101 23.38 19.73 -7.37
CA THR A 101 24.73 19.34 -6.97
C THR A 101 24.93 17.89 -7.39
N PRO A 102 24.96 17.66 -8.72
CA PRO A 102 24.86 16.29 -9.24
C PRO A 102 26.14 15.48 -9.07
N LYS A 103 25.97 14.18 -8.87
CA LYS A 103 27.09 13.25 -8.81
C LYS A 103 26.84 12.12 -9.81
N LYS A 104 27.89 11.62 -10.43
CA LYS A 104 27.76 10.51 -11.35
C LYS A 104 27.25 9.27 -10.62
N CYS A 105 26.31 8.57 -11.23
CA CYS A 105 25.72 7.37 -10.63
C CYS A 105 26.77 6.31 -10.33
N LYS A 106 27.80 6.27 -11.17
CA LYS A 106 28.91 5.34 -11.00
C LYS A 106 29.65 5.59 -9.68
N ASP A 107 29.80 6.87 -9.33
CA ASP A 107 30.58 7.25 -8.16
C ASP A 107 29.79 7.09 -6.87
N ILE A 108 28.47 7.01 -6.99
CA ILE A 108 27.61 6.77 -5.83
C ILE A 108 27.76 5.32 -5.40
N ILE A 109 27.79 4.42 -6.38
CA ILE A 109 27.93 3.00 -6.14
C ILE A 109 29.29 2.67 -5.52
N LYS A 110 30.33 3.33 -6.01
CA LYS A 110 31.67 3.17 -5.45
C LYS A 110 31.69 3.54 -3.96
N THR A 111 31.03 4.64 -3.64
CA THR A 111 30.92 5.09 -2.26
C THR A 111 30.07 4.11 -1.45
N ALA A 112 29.04 3.58 -2.08
CA ALA A 112 28.14 2.62 -1.43
C ALA A 112 28.88 1.33 -1.07
N ARG A 113 29.75 0.88 -1.96
CA ARG A 113 30.50 -0.35 -1.74
C ARG A 113 31.48 -0.21 -0.58
N SER A 114 32.01 1.00 -0.40
CA SER A 114 32.97 1.27 0.65
C SER A 114 32.32 1.31 2.02
N LEU A 115 31.06 1.73 2.08
CA LEU A 115 30.34 1.87 3.34
C LEU A 115 29.60 0.59 3.72
N LEU A 116 29.01 -0.08 2.73
CA LEU A 116 28.26 -1.29 2.98
C LEU A 116 29.16 -2.53 3.01
N ASN A 117 28.75 -3.53 3.78
CA ASN A 117 29.47 -4.80 3.80
C ASN A 117 28.98 -5.70 2.68
N ASP A 118 29.50 -6.92 2.64
CA ASP A 118 29.20 -7.84 1.54
C ASP A 118 27.73 -8.25 1.51
N VAL A 119 27.14 -8.43 2.69
CA VAL A 119 25.73 -8.80 2.78
C VAL A 119 24.82 -7.66 2.34
N GLN A 120 25.09 -6.46 2.86
CA GLN A 120 24.28 -5.29 2.57
C GLN A 120 24.34 -4.89 1.10
N PHE A 121 25.53 -4.99 0.51
CA PHE A 121 25.73 -4.59 -0.87
C PHE A 121 25.11 -5.60 -1.85
N GLY A 122 24.76 -6.77 -1.33
CA GLY A 122 24.14 -7.81 -2.14
C GLY A 122 22.81 -7.39 -2.73
N GLN A 123 22.20 -6.36 -2.15
CA GLN A 123 20.92 -5.85 -2.63
C GLN A 123 21.02 -5.26 -4.04
N PHE A 124 22.22 -4.81 -4.40
CA PHE A 124 22.44 -4.19 -5.70
C PHE A 124 22.64 -5.22 -6.80
N GLY A 125 22.61 -6.49 -6.43
CA GLY A 125 22.78 -7.57 -7.37
C GLY A 125 24.20 -7.66 -7.90
N ASP A 126 24.33 -7.88 -9.21
CA ASP A 126 25.64 -7.98 -9.84
C ASP A 126 25.84 -6.84 -10.83
N ASP A 127 24.81 -6.03 -11.01
CA ASP A 127 24.91 -4.82 -11.84
C ASP A 127 24.14 -3.69 -11.17
N PRO A 128 24.77 -3.05 -10.17
CA PRO A 128 24.16 -2.01 -9.33
C PRO A 128 23.61 -0.83 -10.14
N LYS A 129 24.32 -0.42 -11.18
CA LYS A 129 23.93 0.74 -11.97
C LYS A 129 22.56 0.56 -12.60
N GLU A 130 22.36 -0.56 -13.28
CA GLU A 130 21.08 -0.85 -13.91
C GLU A 130 19.99 -1.03 -12.86
N GLU A 131 20.38 -1.52 -11.69
CA GLU A 131 19.44 -1.72 -10.59
C GLU A 131 18.92 -0.39 -10.05
N VAL A 132 19.77 0.63 -10.08
CA VAL A 132 19.40 1.95 -9.60
C VAL A 132 18.67 2.76 -10.67
N MET A 133 19.16 2.68 -11.90
CA MET A 133 18.58 3.42 -13.02
C MET A 133 17.12 3.05 -13.29
N VAL A 134 16.83 1.75 -13.25
CA VAL A 134 15.48 1.26 -13.47
C VAL A 134 14.53 1.81 -12.40
N LEU A 135 15.00 1.82 -11.16
CA LEU A 135 14.19 2.23 -10.02
C LEU A 135 13.83 3.72 -10.07
N GLU A 136 14.63 4.51 -10.78
CA GLU A 136 14.40 5.95 -10.87
C GLU A 136 13.07 6.28 -11.54
N ARG A 137 12.70 5.49 -12.55
CA ARG A 137 11.43 5.66 -13.24
C ARG A 137 10.26 5.48 -12.27
N ILE A 138 10.42 4.54 -11.34
CA ILE A 138 9.41 4.26 -10.35
C ILE A 138 9.38 5.34 -9.27
N LEU A 139 10.57 5.79 -8.86
CA LEU A 139 10.71 6.79 -7.82
C LEU A 139 10.04 8.11 -8.20
N LEU A 140 10.26 8.55 -9.43
CA LEU A 140 9.67 9.80 -9.92
C LEU A 140 8.15 9.72 -9.92
N GLN A 141 7.62 8.55 -10.30
CA GLN A 141 6.19 8.33 -10.33
C GLN A 141 5.61 8.33 -8.91
N THR A 142 6.33 7.72 -7.98
CA THR A 142 5.88 7.60 -6.60
C THR A 142 5.79 8.97 -5.92
N ILE A 143 6.77 9.82 -6.17
CA ILE A 143 6.81 11.15 -5.57
C ILE A 143 6.00 12.16 -6.39
N LYS A 144 5.33 11.65 -7.43
CA LYS A 144 4.42 12.44 -8.26
C LYS A 144 5.09 13.68 -8.87
N PHE A 145 6.39 13.56 -9.14
CA PHE A 145 7.19 14.65 -9.71
C PHE A 145 7.11 15.93 -8.88
N ASP A 146 6.90 15.77 -7.57
CA ASP A 146 6.96 16.90 -6.65
C ASP A 146 8.38 16.97 -6.10
N LEU A 147 9.28 17.52 -6.89
CA LEU A 147 10.71 17.44 -6.63
C LEU A 147 11.18 18.41 -5.56
N GLN A 148 10.63 19.62 -5.59
CA GLN A 148 11.08 20.69 -4.71
C GLN A 148 10.60 20.47 -3.27
N VAL A 149 11.55 20.40 -2.34
CA VAL A 149 11.23 20.28 -0.92
C VAL A 149 12.10 21.21 -0.09
N GLU A 150 11.55 21.67 1.03
CA GLU A 150 12.31 22.51 1.95
C GLU A 150 12.50 21.80 3.27
N HIS A 151 13.56 22.16 3.99
CA HIS A 151 13.96 21.42 5.18
C HIS A 151 14.09 22.36 6.39
N PRO A 152 13.97 21.79 7.62
CA PRO A 152 14.04 22.56 8.87
C PRO A 152 15.29 23.43 9.00
N TYR A 153 16.38 23.08 8.31
CA TYR A 153 17.62 23.83 8.38
C TYR A 153 17.42 25.30 8.03
N GLN A 154 16.71 25.54 6.93
CA GLN A 154 16.41 26.88 6.46
C GLN A 154 15.73 27.72 7.54
N PHE A 155 14.71 27.15 8.16
CA PHE A 155 13.93 27.87 9.17
C PHE A 155 14.64 27.91 10.52
N LEU A 156 15.51 26.94 10.76
CA LEU A 156 16.28 26.91 12.00
C LEU A 156 17.17 28.14 12.11
N LEU A 157 17.85 28.48 11.01
CA LEU A 157 18.73 29.63 10.99
C LEU A 157 17.93 30.93 10.94
N LYS A 158 16.84 30.90 10.18
CA LYS A 158 15.97 32.07 10.01
C LYS A 158 15.36 32.50 11.34
N TYR A 159 14.91 31.54 12.13
CA TYR A 159 14.27 31.83 13.41
C TYR A 159 15.30 32.25 14.46
N ALA A 160 16.46 31.61 14.42
CA ALA A 160 17.52 31.88 15.39
C ALA A 160 18.15 33.26 15.17
N LYS A 161 18.01 33.78 13.97
CA LYS A 161 18.57 35.08 13.62
C LYS A 161 17.65 36.21 14.05
N GLN A 162 16.66 35.89 14.88
CA GLN A 162 15.72 36.87 15.39
C GLN A 162 15.66 36.79 16.91
N LEU A 163 16.74 36.31 17.52
CA LEU A 163 16.81 36.16 18.96
C LEU A 163 17.83 37.12 19.57
N LYS A 164 17.35 38.03 20.43
CA LYS A 164 18.22 38.99 21.08
C LYS A 164 18.64 38.51 22.47
N GLY A 165 19.91 38.15 22.61
CA GLY A 165 20.43 37.68 23.88
C GLY A 165 21.91 37.36 23.84
N ASP A 166 22.35 36.47 24.73
CA ASP A 166 23.76 36.08 24.81
C ASP A 166 24.18 35.31 23.55
N LYS A 167 25.12 35.89 22.81
CA LYS A 167 25.56 35.32 21.53
C LYS A 167 26.12 33.91 21.69
N ASN A 168 26.73 33.62 22.83
CA ASN A 168 27.30 32.30 23.07
C ASN A 168 26.24 31.23 23.30
N LYS A 169 25.20 31.58 24.06
CA LYS A 169 24.15 30.63 24.38
C LYS A 169 23.26 30.35 23.17
N ILE A 170 22.94 31.40 22.42
CA ILE A 170 22.10 31.27 21.24
C ILE A 170 22.80 30.41 20.18
N GLN A 171 24.10 30.62 20.03
CA GLN A 171 24.91 29.85 19.09
C GLN A 171 24.86 28.36 19.42
N LYS A 172 24.93 28.05 20.71
CA LYS A 172 24.91 26.67 21.17
C LYS A 172 23.54 26.05 20.93
N LEU A 173 22.50 26.85 21.06
CA LEU A 173 21.13 26.42 20.80
C LEU A 173 20.98 25.94 19.36
N VAL A 174 21.59 26.68 18.44
CA VAL A 174 21.52 26.37 17.01
C VAL A 174 22.29 25.08 16.68
N GLN A 175 23.44 24.90 17.31
CA GLN A 175 24.27 23.73 17.08
C GLN A 175 23.53 22.45 17.47
N MET A 176 22.98 22.42 18.67
CA MET A 176 22.24 21.26 19.15
C MET A 176 20.99 21.02 18.32
N ALA A 177 20.29 22.10 17.99
CA ALA A 177 19.09 22.01 17.17
C ALA A 177 19.41 21.42 15.79
N TRP A 178 20.54 21.83 15.23
CA TRP A 178 21.00 21.31 13.95
C TRP A 178 21.20 19.81 14.00
N THR A 179 21.77 19.34 15.12
CA THR A 179 22.00 17.92 15.32
C THR A 179 20.68 17.15 15.39
N PHE A 180 19.71 17.75 16.07
CA PHE A 180 18.41 17.12 16.23
C PHE A 180 17.64 17.02 14.92
N VAL A 181 17.89 17.98 14.02
CA VAL A 181 17.28 17.94 12.69
C VAL A 181 17.83 16.76 11.90
N ASN A 182 19.15 16.57 11.99
CA ASN A 182 19.79 15.42 11.35
C ASN A 182 19.24 14.10 11.89
N ASP A 183 18.90 14.09 13.17
CA ASP A 183 18.34 12.91 13.80
C ASP A 183 16.90 12.67 13.36
N SER A 184 16.16 13.76 13.19
CA SER A 184 14.75 13.68 12.81
C SER A 184 14.57 13.10 11.40
N LEU A 185 15.63 13.17 10.60
CA LEU A 185 15.59 12.62 9.24
C LEU A 185 15.65 11.09 9.28
N CYS A 186 16.06 10.54 10.42
CA CYS A 186 16.08 9.09 10.59
C CYS A 186 14.72 8.58 11.07
N THR A 187 13.80 9.52 11.28
CA THR A 187 12.46 9.19 11.73
C THR A 187 11.41 9.52 10.67
N THR A 188 10.15 9.26 11.00
CA THR A 188 9.04 9.55 10.08
C THR A 188 8.46 10.93 10.33
N LEU A 189 9.21 11.76 11.05
CA LEU A 189 8.75 13.10 11.40
C LEU A 189 8.50 13.98 10.19
N SER A 190 9.31 13.79 9.15
CA SER A 190 9.17 14.56 7.91
C SER A 190 7.86 14.25 7.22
N LEU A 191 7.29 13.08 7.52
CA LEU A 191 6.01 12.68 6.98
C LEU A 191 4.87 13.13 7.88
N GLN A 192 5.21 13.67 9.04
CA GLN A 192 4.21 14.06 10.04
C GLN A 192 3.97 15.57 10.07
N TRP A 193 5.04 16.33 10.24
CA TRP A 193 4.92 17.78 10.40
C TRP A 193 5.74 18.57 9.38
N GLU A 194 5.29 19.79 9.12
CA GLU A 194 5.97 20.70 8.22
C GLU A 194 7.33 21.12 8.79
N PRO A 195 8.31 21.42 7.91
CA PRO A 195 9.66 21.80 8.32
C PRO A 195 9.72 22.94 9.31
N GLU A 196 8.79 23.89 9.19
CA GLU A 196 8.72 25.02 10.11
C GLU A 196 8.50 24.55 11.54
N ILE A 197 7.63 23.55 11.70
CA ILE A 197 7.31 23.01 13.02
C ILE A 197 8.49 22.22 13.59
N ILE A 198 9.14 21.42 12.75
CA ILE A 198 10.29 20.65 13.17
C ILE A 198 11.43 21.56 13.60
N ALA A 199 11.63 22.64 12.84
CA ALA A 199 12.66 23.64 13.16
C ALA A 199 12.43 24.23 14.54
N VAL A 200 11.16 24.46 14.87
CA VAL A 200 10.80 24.97 16.18
C VAL A 200 11.01 23.93 17.27
N ALA A 201 10.59 22.70 16.97
CA ALA A 201 10.66 21.61 17.95
C ALA A 201 12.09 21.32 18.40
N VAL A 202 13.03 21.39 17.48
CA VAL A 202 14.43 21.13 17.82
C VAL A 202 15.02 22.29 18.60
N MET A 203 14.45 23.47 18.44
CA MET A 203 14.82 24.62 19.25
C MET A 203 14.22 24.47 20.64
N TYR A 204 13.00 23.94 20.68
CA TYR A 204 12.31 23.68 21.93
C TYR A 204 13.07 22.64 22.76
N LEU A 205 13.50 21.57 22.09
CA LEU A 205 14.23 20.50 22.75
C LEU A 205 15.57 20.97 23.28
N ALA A 206 16.36 21.61 22.41
CA ALA A 206 17.68 22.10 22.79
C ALA A 206 17.59 23.16 23.88
N GLY A 207 16.50 23.93 23.86
CA GLY A 207 16.28 24.96 24.86
C GLY A 207 15.99 24.37 26.23
N ARG A 208 15.19 23.31 26.26
CA ARG A 208 14.83 22.67 27.51
C ARG A 208 16.01 21.91 28.11
N LEU A 209 16.88 21.41 27.24
CA LEU A 209 18.06 20.67 27.69
C LEU A 209 19.12 21.60 28.29
N CYS A 210 19.23 22.80 27.73
CA CYS A 210 20.23 23.75 28.18
C CYS A 210 19.65 24.75 29.17
N LYS A 211 18.39 24.54 29.54
CA LYS A 211 17.68 25.43 30.47
C LYS A 211 17.58 26.86 29.95
N PHE A 212 17.69 27.01 28.64
CA PHE A 212 17.59 28.33 28.02
C PHE A 212 16.14 28.79 27.96
N GLU A 213 15.89 30.00 28.46
CA GLU A 213 14.57 30.61 28.35
C GLU A 213 14.48 31.38 27.03
N ILE A 214 14.09 30.68 25.98
CA ILE A 214 14.07 31.25 24.62
C ILE A 214 13.16 32.46 24.53
N GLN A 215 12.11 32.49 25.36
CA GLN A 215 11.18 33.61 25.39
C GLN A 215 11.89 34.92 25.78
N GLU A 216 12.90 34.81 26.64
CA GLU A 216 13.63 35.99 27.10
C GLU A 216 14.55 36.54 26.01
N TRP A 217 14.59 35.86 24.87
CA TRP A 217 15.38 36.30 23.73
C TRP A 217 14.48 36.88 22.65
N THR A 218 13.17 36.86 22.89
CA THR A 218 12.20 37.34 21.93
C THR A 218 11.72 38.75 22.26
N SER A 219 10.87 39.30 21.39
CA SER A 219 10.34 40.64 21.56
C SER A 219 9.43 40.74 22.78
N LYS A 220 8.85 39.61 23.17
CA LYS A 220 7.94 39.56 24.31
C LYS A 220 8.39 38.52 25.33
N PRO A 221 9.35 38.88 26.20
CA PRO A 221 9.93 37.99 27.20
C PRO A 221 8.93 37.56 28.29
N MET A 222 7.80 38.25 28.38
CA MET A 222 6.77 37.90 29.34
C MET A 222 5.99 36.68 28.88
N TYR A 223 5.75 36.61 27.56
CA TYR A 223 5.02 35.50 26.96
C TYR A 223 5.87 34.23 26.99
N ARG A 224 5.25 33.11 27.36
CA ARG A 224 5.99 31.87 27.58
C ARG A 224 6.12 31.01 26.32
N ARG A 225 5.13 31.08 25.43
CA ARG A 225 5.17 30.32 24.18
C ARG A 225 5.82 31.14 23.07
N TRP A 226 7.14 31.24 23.13
CA TRP A 226 7.93 32.03 22.20
C TRP A 226 7.74 31.64 20.73
N TRP A 227 7.39 30.39 20.49
CA TRP A 227 7.34 29.84 19.15
C TRP A 227 6.14 30.31 18.33
N GLU A 228 5.19 30.95 19.00
CA GLU A 228 3.96 31.38 18.32
C GLU A 228 4.18 32.61 17.43
N GLN A 229 5.42 33.08 17.37
CA GLN A 229 5.77 34.17 16.48
C GLN A 229 6.48 33.63 15.25
N PHE A 230 6.59 32.31 15.18
CA PHE A 230 7.22 31.65 14.03
C PHE A 230 6.25 30.72 13.31
N VAL A 231 5.57 29.87 14.08
CA VAL A 231 4.58 28.95 13.51
C VAL A 231 3.21 29.15 14.17
N GLN A 232 2.16 29.09 13.37
CA GLN A 232 0.80 29.35 13.84
C GLN A 232 0.09 28.07 14.31
N ASP A 233 -0.74 28.23 15.33
CA ASP A 233 -1.55 27.14 15.90
C ASP A 233 -0.79 25.84 16.11
N VAL A 234 0.17 25.85 17.03
CA VAL A 234 0.89 24.64 17.41
C VAL A 234 0.94 24.49 18.92
N PRO A 235 0.10 23.59 19.46
CA PRO A 235 0.05 23.32 20.90
C PRO A 235 1.39 22.79 21.42
N VAL A 236 1.63 22.93 22.72
CA VAL A 236 2.88 22.47 23.32
C VAL A 236 2.94 20.94 23.29
N ASP A 237 1.79 20.31 23.10
CA ASP A 237 1.71 18.86 22.99
C ASP A 237 2.44 18.37 21.75
N VAL A 238 2.30 19.12 20.66
CA VAL A 238 2.96 18.77 19.40
C VAL A 238 4.47 18.82 19.53
N LEU A 239 4.98 19.91 20.09
CA LEU A 239 6.43 20.07 20.27
C LEU A 239 6.97 19.00 21.20
N GLU A 240 6.21 18.70 22.24
CA GLU A 240 6.61 17.68 23.21
C GLU A 240 6.64 16.30 22.58
N ASP A 241 5.71 16.05 21.67
CA ASP A 241 5.62 14.76 20.98
C ASP A 241 6.81 14.55 20.05
N ILE A 242 7.16 15.59 19.30
CA ILE A 242 8.28 15.51 18.36
C ILE A 242 9.58 15.26 19.10
N CYS A 243 9.70 15.83 20.30
CA CYS A 243 10.88 15.62 21.13
C CYS A 243 11.03 14.14 21.49
N HIS A 244 9.92 13.51 21.88
CA HIS A 244 9.98 12.14 22.37
C HIS A 244 10.31 11.15 21.25
N GLN A 245 9.91 11.47 20.03
CA GLN A 245 10.26 10.65 18.89
C GLN A 245 11.75 10.76 18.55
N ILE A 246 12.32 11.93 18.81
CA ILE A 246 13.74 12.16 18.59
C ILE A 246 14.56 11.54 19.71
N LEU A 247 14.09 11.69 20.95
CA LEU A 247 14.80 11.19 22.11
C LEU A 247 14.89 9.65 22.17
N ASP A 248 13.93 8.96 21.55
CA ASP A 248 13.93 7.50 21.55
C ASP A 248 14.88 6.92 20.50
N LEU A 249 15.55 7.78 19.74
CA LEU A 249 16.60 7.32 18.84
C LEU A 249 17.84 6.97 19.66
N TYR A 250 18.17 7.84 20.61
CA TYR A 250 19.30 7.62 21.50
C TYR A 250 18.98 6.50 22.49
N SER A 251 17.70 6.30 22.75
CA SER A 251 17.25 5.24 23.64
C SER A 251 17.44 3.87 23.01
N GLN A 252 18.53 3.20 23.39
CA GLN A 252 18.86 1.87 22.86
C GLN A 252 18.96 1.88 21.34
N PRO B 14 -10.79 -11.11 13.95
CA PRO B 14 -10.26 -10.27 12.88
C PRO B 14 -11.37 -9.70 11.99
N CYS B 15 -11.30 -8.39 11.72
CA CYS B 15 -12.29 -7.74 10.87
C CYS B 15 -11.87 -7.83 9.40
N TRP B 16 -12.72 -8.43 8.59
CA TRP B 16 -12.41 -8.63 7.17
C TRP B 16 -13.32 -7.80 6.27
N TYR B 17 -13.63 -6.59 6.71
CA TYR B 17 -14.51 -5.71 5.95
C TYR B 17 -14.01 -4.27 5.95
N TRP B 18 -13.74 -3.75 4.76
CA TRP B 18 -13.23 -2.39 4.61
C TRP B 18 -14.33 -1.46 4.13
N ASP B 19 -13.97 -0.19 3.95
CA ASP B 19 -14.93 0.79 3.42
C ASP B 19 -14.45 1.18 2.02
N LYS B 20 -15.30 1.86 1.27
CA LYS B 20 -14.99 2.21 -0.12
C LYS B 20 -13.79 3.14 -0.18
N LYS B 21 -13.59 3.91 0.88
CA LYS B 21 -12.43 4.79 1.00
C LYS B 21 -11.15 3.98 1.15
N ASP B 22 -11.25 2.87 1.87
CA ASP B 22 -10.10 1.99 2.07
C ASP B 22 -9.79 1.22 0.79
N LEU B 23 -10.83 0.84 0.06
CA LEU B 23 -10.67 0.10 -1.18
C LEU B 23 -10.08 0.98 -2.28
N ALA B 24 -10.15 2.29 -2.09
CA ALA B 24 -9.57 3.24 -3.03
C ALA B 24 -8.11 3.51 -2.70
N HIS B 25 -7.60 2.80 -1.70
CA HIS B 25 -6.21 2.96 -1.28
C HIS B 25 -5.55 1.60 -1.02
N THR B 26 -5.88 0.62 -1.85
CA THR B 26 -5.28 -0.70 -1.75
C THR B 26 -3.81 -0.64 -2.16
N PRO B 27 -2.98 -1.55 -1.61
CA PRO B 27 -1.56 -1.67 -1.95
C PRO B 27 -1.28 -1.64 -3.45
N SER B 28 -2.24 -2.09 -4.26
CA SER B 28 -2.11 -2.05 -5.70
C SER B 28 -2.15 -0.63 -6.23
N GLN B 29 -3.17 0.13 -5.85
CA GLN B 29 -3.34 1.49 -6.31
C GLN B 29 -2.29 2.43 -5.71
N LEU B 30 -1.73 2.05 -4.57
CA LEU B 30 -0.67 2.83 -3.95
C LEU B 30 0.59 2.79 -4.81
N GLU B 31 0.78 1.71 -5.55
CA GLU B 31 1.93 1.58 -6.43
C GLU B 31 1.65 2.18 -7.81
N GLY B 32 0.51 2.86 -7.94
CA GLY B 32 0.19 3.59 -9.16
C GLY B 32 -0.69 2.82 -10.12
N LEU B 33 -1.32 1.76 -9.65
CA LEU B 33 -2.18 0.95 -10.51
C LEU B 33 -3.53 1.65 -10.73
N ASP B 34 -3.99 1.63 -11.98
CA ASP B 34 -5.26 2.21 -12.36
C ASP B 34 -6.40 1.47 -11.66
N PRO B 35 -7.22 2.19 -10.89
CA PRO B 35 -8.40 1.63 -10.21
C PRO B 35 -9.28 0.79 -11.13
N ALA B 36 -9.38 1.17 -12.40
CA ALA B 36 -10.15 0.41 -13.37
C ALA B 36 -9.40 -0.85 -13.78
N THR B 37 -8.07 -0.80 -13.72
CA THR B 37 -7.25 -1.95 -14.08
C THR B 37 -7.26 -2.99 -12.96
N GLU B 38 -7.19 -2.52 -11.71
CA GLU B 38 -7.27 -3.42 -10.57
C GLU B 38 -8.63 -4.10 -10.54
N ALA B 39 -9.67 -3.35 -10.89
CA ALA B 39 -11.01 -3.90 -11.00
C ALA B 39 -11.03 -4.99 -12.06
N ARG B 40 -10.30 -4.76 -13.15
CA ARG B 40 -10.17 -5.74 -14.21
C ARG B 40 -9.35 -6.95 -13.76
N TYR B 41 -8.27 -6.69 -13.02
CA TYR B 41 -7.42 -7.75 -12.52
C TYR B 41 -8.16 -8.64 -11.52
N ARG B 42 -9.05 -8.04 -10.73
CA ARG B 42 -9.85 -8.79 -9.78
C ARG B 42 -10.91 -9.61 -10.51
N ARG B 43 -11.46 -9.05 -11.59
CA ARG B 43 -12.42 -9.76 -12.43
C ARG B 43 -11.78 -10.98 -13.07
N GLU B 44 -10.63 -10.76 -13.71
CA GLU B 44 -9.88 -11.85 -14.35
C GLU B 44 -9.49 -12.92 -13.34
N GLY B 45 -9.00 -12.49 -12.19
CA GLY B 45 -8.58 -13.39 -11.14
C GLY B 45 -9.71 -14.25 -10.62
N ALA B 46 -10.84 -13.60 -10.33
CA ALA B 46 -12.03 -14.30 -9.84
C ALA B 46 -12.55 -15.27 -10.89
N ARG B 47 -12.62 -14.81 -12.13
CA ARG B 47 -13.10 -15.64 -13.24
C ARG B 47 -12.14 -16.79 -13.51
N PHE B 48 -10.85 -16.58 -13.23
CA PHE B 48 -9.85 -17.62 -13.40
C PHE B 48 -10.08 -18.77 -12.43
N ILE B 49 -10.22 -18.45 -11.15
CA ILE B 49 -10.46 -19.45 -10.12
C ILE B 49 -11.78 -20.19 -10.37
N PHE B 50 -12.78 -19.46 -10.85
CA PHE B 50 -14.09 -20.02 -11.13
C PHE B 50 -14.01 -21.05 -12.25
N ASP B 51 -13.18 -20.78 -13.25
CA ASP B 51 -13.04 -21.67 -14.40
C ASP B 51 -12.23 -22.92 -14.07
N VAL B 52 -11.08 -22.73 -13.44
CA VAL B 52 -10.19 -23.84 -13.08
C VAL B 52 -10.90 -24.83 -12.15
N GLY B 53 -11.63 -24.29 -11.19
CA GLY B 53 -12.36 -25.12 -10.25
C GLY B 53 -13.55 -25.84 -10.86
N THR B 54 -14.15 -25.23 -11.88
CA THR B 54 -15.30 -25.82 -12.54
C THR B 54 -14.91 -27.06 -13.34
N ARG B 55 -13.80 -26.98 -14.07
CA ARG B 55 -13.33 -28.10 -14.87
C ARG B 55 -12.79 -29.23 -13.98
N LEU B 56 -12.48 -28.90 -12.73
CA LEU B 56 -12.07 -29.92 -11.76
C LEU B 56 -13.26 -30.41 -10.95
N GLY B 57 -14.45 -29.89 -11.28
CA GLY B 57 -15.68 -30.30 -10.63
C GLY B 57 -15.70 -30.02 -9.14
N LEU B 58 -15.52 -28.75 -8.78
CA LEU B 58 -15.46 -28.37 -7.37
C LEU B 58 -16.77 -27.77 -6.85
N HIS B 59 -16.98 -27.93 -5.55
CA HIS B 59 -18.11 -27.32 -4.84
C HIS B 59 -18.15 -25.82 -5.08
N TYR B 60 -19.35 -25.27 -5.19
CA TYR B 60 -19.49 -23.83 -5.45
C TYR B 60 -19.04 -22.99 -4.25
N ASP B 61 -19.02 -23.60 -3.06
CA ASP B 61 -18.47 -22.93 -1.88
C ASP B 61 -16.96 -22.96 -1.87
N THR B 62 -16.38 -24.07 -2.36
CA THR B 62 -14.94 -24.18 -2.46
C THR B 62 -14.37 -23.09 -3.39
N LEU B 63 -15.12 -22.80 -4.45
CA LEU B 63 -14.72 -21.75 -5.39
C LEU B 63 -14.78 -20.39 -4.72
N ALA B 64 -15.88 -20.12 -4.02
CA ALA B 64 -16.09 -18.84 -3.36
C ALA B 64 -15.09 -18.64 -2.22
N THR B 65 -14.69 -19.74 -1.59
CA THR B 65 -13.71 -19.68 -0.52
C THR B 65 -12.36 -19.20 -1.05
N GLY B 66 -11.96 -19.75 -2.20
CA GLY B 66 -10.72 -19.35 -2.84
C GLY B 66 -10.74 -17.92 -3.32
N ILE B 67 -11.86 -17.52 -3.91
CA ILE B 67 -12.03 -16.16 -4.42
C ILE B 67 -11.96 -15.13 -3.30
N ILE B 68 -12.56 -15.45 -2.16
CA ILE B 68 -12.52 -14.56 -1.00
C ILE B 68 -11.09 -14.45 -0.46
N TYR B 69 -10.36 -15.56 -0.49
CA TYR B 69 -8.94 -15.54 -0.16
C TYR B 69 -8.19 -14.62 -1.12
N PHE B 70 -8.56 -14.70 -2.39
CA PHE B 70 -7.94 -13.92 -3.45
C PHE B 70 -8.17 -12.42 -3.24
N HIS B 71 -9.40 -12.04 -2.96
CA HIS B 71 -9.75 -10.64 -2.73
C HIS B 71 -9.06 -10.10 -1.48
N ARG B 72 -9.04 -10.90 -0.42
CA ARG B 72 -8.42 -10.49 0.84
C ARG B 72 -6.90 -10.39 0.71
N PHE B 73 -6.32 -11.25 -0.13
CA PHE B 73 -4.88 -11.26 -0.34
C PHE B 73 -4.38 -9.93 -0.88
N TYR B 74 -5.10 -9.37 -1.84
CA TYR B 74 -4.68 -8.13 -2.48
C TYR B 74 -5.19 -6.90 -1.75
N MET B 75 -5.52 -7.08 -0.47
CA MET B 75 -5.77 -5.96 0.43
C MET B 75 -4.51 -5.68 1.22
N PHE B 76 -3.54 -6.57 1.09
CA PHE B 76 -2.27 -6.46 1.79
C PHE B 76 -1.10 -6.56 0.81
N HIS B 77 -1.42 -6.82 -0.46
CA HIS B 77 -0.40 -6.97 -1.49
C HIS B 77 -0.81 -6.31 -2.80
N SER B 78 0.19 -5.89 -3.58
CA SER B 78 -0.06 -5.21 -4.85
C SER B 78 -0.05 -6.18 -6.02
N PHE B 79 -0.88 -5.89 -7.03
CA PHE B 79 -0.92 -6.71 -8.24
C PHE B 79 0.35 -6.57 -9.06
N LYS B 80 1.06 -5.45 -8.87
CA LYS B 80 2.29 -5.18 -9.61
C LYS B 80 3.46 -5.99 -9.06
N GLN B 81 3.30 -6.53 -7.85
CA GLN B 81 4.35 -7.31 -7.22
C GLN B 81 4.03 -8.80 -7.23
N PHE B 82 2.73 -9.12 -7.27
CA PHE B 82 2.29 -10.51 -7.27
C PHE B 82 1.33 -10.80 -8.41
N PRO B 83 1.74 -11.70 -9.33
CA PRO B 83 0.91 -12.09 -10.48
C PRO B 83 -0.40 -12.73 -10.04
N ARG B 84 -1.50 -12.30 -10.65
CA ARG B 84 -2.84 -12.68 -10.21
C ARG B 84 -3.16 -14.15 -10.42
N TYR B 85 -2.75 -14.69 -11.57
CA TYR B 85 -3.07 -16.07 -11.93
C TYR B 85 -2.34 -17.06 -11.03
N VAL B 86 -1.14 -16.70 -10.61
CA VAL B 86 -0.37 -17.53 -9.69
C VAL B 86 -1.03 -17.53 -8.31
N THR B 87 -1.47 -16.36 -7.87
CA THR B 87 -2.12 -16.20 -6.58
C THR B 87 -3.47 -16.90 -6.55
N GLY B 88 -4.24 -16.74 -7.64
CA GLY B 88 -5.54 -17.37 -7.76
C GLY B 88 -5.47 -18.88 -7.69
N ALA B 89 -4.46 -19.44 -8.37
CA ALA B 89 -4.25 -20.88 -8.36
C ALA B 89 -3.88 -21.36 -6.95
N CYS B 90 -3.14 -20.54 -6.23
CA CYS B 90 -2.73 -20.87 -4.87
C CYS B 90 -3.91 -20.80 -3.90
N CYS B 91 -4.83 -19.87 -4.16
CA CYS B 91 -6.03 -19.73 -3.34
C CYS B 91 -6.95 -20.93 -3.49
N LEU B 92 -7.17 -21.34 -4.74
CA LEU B 92 -8.02 -22.49 -5.04
C LEU B 92 -7.45 -23.76 -4.41
N PHE B 93 -6.12 -23.87 -4.41
CA PHE B 93 -5.44 -25.00 -3.82
C PHE B 93 -5.68 -25.07 -2.32
N LEU B 94 -5.50 -23.95 -1.63
CA LEU B 94 -5.72 -23.88 -0.20
C LEU B 94 -7.19 -24.08 0.17
N ALA B 95 -8.07 -23.49 -0.64
CA ALA B 95 -9.51 -23.57 -0.40
C ALA B 95 -10.01 -25.00 -0.52
N GLY B 96 -9.38 -25.77 -1.41
CA GLY B 96 -9.75 -27.15 -1.61
C GLY B 96 -9.48 -28.00 -0.38
N LYS B 97 -8.43 -27.64 0.35
CA LYS B 97 -8.06 -28.36 1.56
C LYS B 97 -8.90 -27.90 2.75
N VAL B 98 -9.23 -26.62 2.78
CA VAL B 98 -10.05 -26.07 3.86
C VAL B 98 -11.47 -26.62 3.80
N GLU B 99 -12.08 -26.58 2.62
CA GLU B 99 -13.42 -27.11 2.43
C GLU B 99 -13.38 -28.63 2.24
N GLU B 100 -12.18 -29.19 2.38
CA GLU B 100 -11.94 -30.63 2.29
C GLU B 100 -12.46 -31.26 1.00
N THR B 101 -12.25 -30.57 -0.11
CA THR B 101 -12.42 -31.16 -1.44
C THR B 101 -11.13 -30.92 -2.23
N PRO B 102 -10.03 -31.55 -1.79
CA PRO B 102 -8.69 -31.23 -2.26
C PRO B 102 -8.37 -31.72 -3.66
N LYS B 103 -7.54 -30.97 -4.38
CA LYS B 103 -7.04 -31.37 -5.68
C LYS B 103 -5.52 -31.32 -5.67
N LYS B 104 -4.89 -32.26 -6.38
CA LYS B 104 -3.45 -32.28 -6.49
C LYS B 104 -2.94 -31.03 -7.21
N CYS B 105 -1.86 -30.45 -6.70
CA CYS B 105 -1.30 -29.23 -7.26
C CYS B 105 -0.90 -29.40 -8.73
N LYS B 106 -0.49 -30.62 -9.07
CA LYS B 106 -0.13 -30.95 -10.44
C LYS B 106 -1.31 -30.79 -11.38
N ASP B 107 -2.49 -31.17 -10.92
CA ASP B 107 -3.69 -31.16 -11.76
C ASP B 107 -4.30 -29.77 -11.86
N ILE B 108 -3.94 -28.89 -10.94
CA ILE B 108 -4.40 -27.51 -10.99
C ILE B 108 -3.66 -26.73 -12.08
N ILE B 109 -2.35 -26.93 -12.13
CA ILE B 109 -1.51 -26.27 -13.12
C ILE B 109 -1.83 -26.75 -14.54
N LYS B 110 -2.06 -28.05 -14.67
CA LYS B 110 -2.45 -28.64 -15.95
C LYS B 110 -3.74 -27.98 -16.44
N THR B 111 -4.69 -27.81 -15.53
CA THR B 111 -5.95 -27.16 -15.85
C THR B 111 -5.71 -25.69 -16.18
N ALA B 112 -4.78 -25.08 -15.47
CA ALA B 112 -4.45 -23.68 -15.66
C ALA B 112 -3.82 -23.44 -17.04
N ARG B 113 -2.97 -24.37 -17.46
CA ARG B 113 -2.29 -24.25 -18.75
C ARG B 113 -3.27 -24.37 -19.91
N SER B 114 -4.33 -25.15 -19.71
CA SER B 114 -5.33 -25.37 -20.75
C SER B 114 -6.20 -24.13 -20.96
N LEU B 115 -6.40 -23.37 -19.89
CA LEU B 115 -7.25 -22.19 -19.95
C LEU B 115 -6.47 -20.94 -20.33
N LEU B 116 -5.25 -20.82 -19.79
CA LEU B 116 -4.41 -19.66 -20.07
C LEU B 116 -3.58 -19.84 -21.33
N ASN B 117 -3.26 -18.73 -21.99
CA ASN B 117 -2.37 -18.76 -23.14
C ASN B 117 -0.91 -18.68 -22.70
N ASP B 118 0.00 -18.64 -23.66
CA ASP B 118 1.43 -18.66 -23.37
C ASP B 118 1.88 -17.39 -22.64
N VAL B 119 1.29 -16.26 -22.99
CA VAL B 119 1.63 -14.99 -22.36
C VAL B 119 1.17 -14.96 -20.90
N GLN B 120 -0.08 -15.35 -20.66
CA GLN B 120 -0.66 -15.35 -19.33
C GLN B 120 0.03 -16.36 -18.41
N PHE B 121 0.38 -17.52 -18.95
CA PHE B 121 0.98 -18.59 -18.16
C PHE B 121 2.43 -18.28 -17.80
N GLY B 122 2.99 -17.26 -18.43
CA GLY B 122 4.35 -16.83 -18.14
C GLY B 122 4.55 -16.39 -16.71
N GLN B 123 3.45 -16.06 -16.04
CA GLN B 123 3.50 -15.64 -14.64
C GLN B 123 3.97 -16.76 -13.72
N PHE B 124 3.78 -18.00 -14.15
CA PHE B 124 4.15 -19.16 -13.34
C PHE B 124 5.65 -19.47 -13.43
N GLY B 125 6.36 -18.69 -14.23
CA GLY B 125 7.79 -18.87 -14.40
C GLY B 125 8.13 -20.13 -15.18
N ASP B 126 9.13 -20.87 -14.72
CA ASP B 126 9.55 -22.10 -15.39
C ASP B 126 9.32 -23.31 -14.51
N ASP B 127 8.90 -23.08 -13.27
CA ASP B 127 8.52 -24.15 -12.36
C ASP B 127 7.29 -23.74 -11.56
N PRO B 128 6.10 -23.84 -12.17
CA PRO B 128 4.83 -23.38 -11.60
C PRO B 128 4.50 -23.95 -10.23
N LYS B 129 4.78 -25.23 -10.02
CA LYS B 129 4.43 -25.88 -8.76
C LYS B 129 5.14 -25.24 -7.58
N GLU B 130 6.45 -25.08 -7.68
CA GLU B 130 7.24 -24.48 -6.62
C GLU B 130 6.86 -23.01 -6.42
N GLU B 131 6.44 -22.36 -7.50
CA GLU B 131 6.02 -20.96 -7.45
C GLU B 131 4.73 -20.81 -6.64
N VAL B 132 3.88 -21.83 -6.70
CA VAL B 132 2.61 -21.82 -5.97
C VAL B 132 2.80 -22.30 -4.53
N MET B 133 3.63 -23.32 -4.35
CA MET B 133 3.88 -23.88 -3.02
C MET B 133 4.49 -22.85 -2.08
N VAL B 134 5.46 -22.09 -2.58
CA VAL B 134 6.11 -21.04 -1.80
C VAL B 134 5.09 -19.98 -1.38
N LEU B 135 4.21 -19.61 -2.30
CA LEU B 135 3.23 -18.55 -2.07
C LEU B 135 2.21 -18.94 -0.99
N GLU B 136 2.02 -20.24 -0.79
CA GLU B 136 1.05 -20.72 0.19
C GLU B 136 1.42 -20.27 1.60
N ARG B 137 2.71 -20.25 1.90
CA ARG B 137 3.20 -19.79 3.19
C ARG B 137 2.84 -18.33 3.42
N ILE B 138 2.90 -17.55 2.35
CA ILE B 138 2.56 -16.13 2.41
C ILE B 138 1.06 -15.92 2.52
N LEU B 139 0.29 -16.70 1.76
CA LEU B 139 -1.16 -16.59 1.74
C LEU B 139 -1.76 -16.86 3.12
N LEU B 140 -1.27 -17.89 3.79
CA LEU B 140 -1.76 -18.26 5.11
C LEU B 140 -1.51 -17.16 6.14
N GLN B 141 -0.34 -16.51 6.06
CA GLN B 141 -0.01 -15.43 6.96
C GLN B 141 -0.87 -14.19 6.69
N THR B 142 -1.12 -13.93 5.41
CA THR B 142 -1.89 -12.76 5.01
C THR B 142 -3.33 -12.86 5.50
N ILE B 143 -3.91 -14.05 5.39
CA ILE B 143 -5.28 -14.27 5.84
C ILE B 143 -5.34 -14.58 7.33
N LYS B 144 -4.17 -14.54 7.98
CA LYS B 144 -4.08 -14.70 9.43
C LYS B 144 -4.68 -16.00 9.94
N PHE B 145 -4.61 -17.04 9.10
CA PHE B 145 -5.14 -18.37 9.42
C PHE B 145 -6.62 -18.36 9.76
N ASP B 146 -7.37 -17.42 9.20
CA ASP B 146 -8.82 -17.41 9.34
C ASP B 146 -9.42 -18.14 8.15
N LEU B 147 -9.41 -19.47 8.23
CA LEU B 147 -9.72 -20.31 7.08
C LEU B 147 -11.21 -20.44 6.80
N GLN B 148 -12.01 -20.57 7.85
CA GLN B 148 -13.44 -20.80 7.67
C GLN B 148 -14.15 -19.52 7.23
N VAL B 149 -14.84 -19.60 6.10
CA VAL B 149 -15.62 -18.49 5.58
C VAL B 149 -16.99 -18.97 5.13
N GLU B 150 -17.98 -18.09 5.21
CA GLU B 150 -19.32 -18.42 4.77
C GLU B 150 -19.70 -17.58 3.56
N HIS B 151 -20.61 -18.09 2.74
CA HIS B 151 -20.92 -17.45 1.46
C HIS B 151 -22.42 -17.19 1.32
N PRO B 152 -22.78 -16.20 0.47
CA PRO B 152 -24.18 -15.83 0.25
C PRO B 152 -25.09 -16.99 -0.18
N TYR B 153 -24.51 -18.02 -0.79
CA TYR B 153 -25.27 -19.18 -1.26
C TYR B 153 -26.07 -19.83 -0.13
N GLN B 154 -25.39 -20.06 1.00
CA GLN B 154 -26.00 -20.65 2.18
C GLN B 154 -27.25 -19.88 2.63
N PHE B 155 -27.11 -18.56 2.73
CA PHE B 155 -28.18 -17.71 3.22
C PHE B 155 -29.24 -17.44 2.14
N LEU B 156 -28.83 -17.52 0.88
CA LEU B 156 -29.74 -17.33 -0.24
C LEU B 156 -30.84 -18.39 -0.23
N LEU B 157 -30.44 -19.64 0.00
CA LEU B 157 -31.38 -20.74 0.01
C LEU B 157 -32.21 -20.74 1.29
N LYS B 158 -31.59 -20.39 2.40
CA LYS B 158 -32.25 -20.35 3.71
C LYS B 158 -33.40 -19.34 3.73
N TYR B 159 -33.16 -18.17 3.14
CA TYR B 159 -34.16 -17.11 3.12
C TYR B 159 -35.27 -17.41 2.11
N ALA B 160 -34.88 -18.00 0.99
CA ALA B 160 -35.83 -18.31 -0.08
C ALA B 160 -36.77 -19.45 0.29
N LYS B 161 -36.36 -20.25 1.27
CA LYS B 161 -37.16 -21.41 1.70
C LYS B 161 -38.25 -20.99 2.69
N GLN B 162 -38.46 -19.68 2.81
CA GLN B 162 -39.50 -19.16 3.69
C GLN B 162 -40.40 -18.17 2.96
N LEU B 163 -40.54 -18.34 1.66
CA LEU B 163 -41.37 -17.45 0.86
C LEU B 163 -42.61 -18.15 0.34
N LYS B 164 -43.78 -17.69 0.78
CA LYS B 164 -45.05 -18.26 0.37
C LYS B 164 -45.64 -17.50 -0.80
N GLY B 165 -45.67 -18.14 -1.96
CA GLY B 165 -46.21 -17.54 -3.16
C GLY B 165 -46.15 -18.49 -4.34
N ASP B 166 -46.10 -17.93 -5.55
CA ASP B 166 -46.05 -18.75 -6.75
C ASP B 166 -44.73 -19.53 -6.80
N LYS B 167 -44.83 -20.85 -6.70
CA LYS B 167 -43.66 -21.72 -6.64
C LYS B 167 -42.78 -21.60 -7.88
N ASN B 168 -43.41 -21.33 -9.02
CA ASN B 168 -42.68 -21.21 -10.28
C ASN B 168 -41.89 -19.90 -10.36
N LYS B 169 -42.50 -18.81 -9.89
CA LYS B 169 -41.87 -17.49 -9.95
C LYS B 169 -40.73 -17.36 -8.93
N ILE B 170 -40.95 -17.90 -7.73
CA ILE B 170 -39.94 -17.85 -6.68
C ILE B 170 -38.69 -18.61 -7.07
N GLN B 171 -38.89 -19.75 -7.74
CA GLN B 171 -37.76 -20.57 -8.21
C GLN B 171 -36.85 -19.79 -9.15
N LYS B 172 -37.46 -19.03 -10.05
CA LYS B 172 -36.69 -18.23 -11.01
C LYS B 172 -35.95 -17.10 -10.29
N LEU B 173 -36.57 -16.57 -9.24
CA LEU B 173 -35.96 -15.54 -8.42
C LEU B 173 -34.66 -16.05 -7.81
N VAL B 174 -34.69 -17.29 -7.33
CA VAL B 174 -33.53 -17.92 -6.72
C VAL B 174 -32.45 -18.21 -7.76
N GLN B 175 -32.89 -18.62 -8.96
CA GLN B 175 -31.96 -18.93 -10.05
C GLN B 175 -31.14 -17.69 -10.44
N MET B 176 -31.83 -16.58 -10.66
CA MET B 176 -31.17 -15.33 -11.02
C MET B 176 -30.31 -14.81 -9.88
N ALA B 177 -30.82 -14.92 -8.65
CA ALA B 177 -30.07 -14.50 -7.47
C ALA B 177 -28.76 -15.27 -7.37
N TRP B 178 -28.82 -16.55 -7.68
CA TRP B 178 -27.64 -17.41 -7.69
C TRP B 178 -26.61 -16.89 -8.69
N THR B 179 -27.08 -16.45 -9.85
CA THR B 179 -26.22 -15.90 -10.88
C THR B 179 -25.54 -14.62 -10.41
N PHE B 180 -26.30 -13.78 -9.71
CA PHE B 180 -25.78 -12.51 -9.21
C PHE B 180 -24.72 -12.70 -8.15
N VAL B 181 -24.84 -13.77 -7.37
CA VAL B 181 -23.84 -14.10 -6.36
C VAL B 181 -22.52 -14.48 -7.04
N ASN B 182 -22.63 -15.29 -8.10
CA ASN B 182 -21.47 -15.67 -8.89
C ASN B 182 -20.76 -14.46 -9.50
N ASP B 183 -21.54 -13.46 -9.86
CA ASP B 183 -21.00 -12.23 -10.43
C ASP B 183 -20.37 -11.36 -9.35
N SER B 184 -20.97 -11.36 -8.16
CA SER B 184 -20.49 -10.55 -7.05
C SER B 184 -19.10 -10.97 -6.59
N LEU B 185 -18.72 -12.21 -6.91
CA LEU B 185 -17.40 -12.72 -6.56
C LEU B 185 -16.32 -12.07 -7.43
N CYS B 186 -16.73 -11.47 -8.54
CA CYS B 186 -15.81 -10.77 -9.42
C CYS B 186 -15.59 -9.34 -8.94
N THR B 187 -16.31 -8.97 -7.88
CA THR B 187 -16.20 -7.63 -7.32
C THR B 187 -15.64 -7.68 -5.90
N THR B 188 -15.50 -6.50 -5.29
CA THR B 188 -14.96 -6.41 -3.93
C THR B 188 -16.08 -6.43 -2.89
N LEU B 189 -17.26 -6.88 -3.30
CA LEU B 189 -18.43 -6.90 -2.43
C LEU B 189 -18.23 -7.80 -1.20
N SER B 190 -17.49 -8.89 -1.39
CA SER B 190 -17.19 -9.80 -0.29
C SER B 190 -16.33 -9.13 0.76
N LEU B 191 -15.62 -8.08 0.36
CA LEU B 191 -14.79 -7.30 1.27
C LEU B 191 -15.58 -6.16 1.88
N GLN B 192 -16.80 -5.95 1.39
CA GLN B 192 -17.61 -4.82 1.83
C GLN B 192 -18.71 -5.23 2.80
N TRP B 193 -19.52 -6.20 2.38
CA TRP B 193 -20.68 -6.59 3.18
C TRP B 193 -20.68 -8.07 3.53
N GLU B 194 -21.34 -8.40 4.63
CA GLU B 194 -21.48 -9.79 5.06
C GLU B 194 -22.34 -10.57 4.08
N PRO B 195 -22.09 -11.89 3.95
CA PRO B 195 -22.82 -12.76 3.03
C PRO B 195 -24.33 -12.70 3.22
N GLU B 196 -24.79 -12.51 4.46
CA GLU B 196 -26.21 -12.40 4.76
C GLU B 196 -26.83 -11.22 4.03
N ILE B 197 -26.12 -10.10 4.01
CA ILE B 197 -26.58 -8.89 3.33
C ILE B 197 -26.55 -9.08 1.81
N ILE B 198 -25.48 -9.70 1.33
CA ILE B 198 -25.32 -9.96 -0.10
C ILE B 198 -26.43 -10.88 -0.60
N ALA B 199 -26.76 -11.90 0.19
CA ALA B 199 -27.83 -12.84 -0.14
C ALA B 199 -29.16 -12.12 -0.32
N VAL B 200 -29.40 -11.12 0.51
CA VAL B 200 -30.61 -10.31 0.42
C VAL B 200 -30.57 -9.42 -0.81
N ALA B 201 -29.42 -8.79 -1.04
CA ALA B 201 -29.25 -7.83 -2.12
C ALA B 201 -29.48 -8.44 -3.50
N VAL B 202 -29.03 -9.68 -3.70
CA VAL B 202 -29.17 -10.34 -4.99
C VAL B 202 -30.62 -10.77 -5.21
N MET B 203 -31.36 -10.94 -4.13
CA MET B 203 -32.80 -11.19 -4.22
C MET B 203 -33.54 -9.92 -4.58
N TYR B 204 -33.08 -8.81 -4.00
CA TYR B 204 -33.65 -7.50 -4.27
C TYR B 204 -33.48 -7.13 -5.74
N LEU B 205 -32.29 -7.39 -6.28
CA LEU B 205 -31.99 -7.09 -7.68
C LEU B 205 -32.87 -7.92 -8.61
N ALA B 206 -32.90 -9.23 -8.37
CA ALA B 206 -33.68 -10.14 -9.19
C ALA B 206 -35.16 -9.83 -9.09
N GLY B 207 -35.58 -9.32 -7.94
CA GLY B 207 -36.97 -8.96 -7.71
C GLY B 207 -37.39 -7.74 -8.53
N ARG B 208 -36.52 -6.75 -8.59
CA ARG B 208 -36.80 -5.52 -9.34
C ARG B 208 -36.78 -5.76 -10.84
N LEU B 209 -35.95 -6.71 -11.28
CA LEU B 209 -35.84 -7.03 -12.69
C LEU B 209 -37.04 -7.81 -13.19
N CYS B 210 -37.58 -8.67 -12.34
CA CYS B 210 -38.70 -9.53 -12.71
C CYS B 210 -40.04 -8.96 -12.26
N LYS B 211 -40.00 -7.74 -11.72
CA LYS B 211 -41.20 -7.05 -11.22
C LYS B 211 -41.90 -7.83 -10.12
N PHE B 212 -41.14 -8.71 -9.44
CA PHE B 212 -41.67 -9.50 -8.34
C PHE B 212 -41.79 -8.67 -7.07
N GLU B 213 -42.97 -8.68 -6.47
CA GLU B 213 -43.16 -8.03 -5.18
C GLU B 213 -42.83 -9.04 -4.08
N ILE B 214 -41.56 -9.09 -3.71
CA ILE B 214 -41.04 -10.07 -2.76
C ILE B 214 -41.77 -9.97 -1.40
N GLN B 215 -42.24 -8.77 -1.08
CA GLN B 215 -42.98 -8.55 0.15
C GLN B 215 -44.26 -9.38 0.20
N GLU B 216 -44.87 -9.59 -0.97
CA GLU B 216 -46.11 -10.36 -1.06
C GLU B 216 -45.87 -11.86 -0.86
N TRP B 217 -44.60 -12.23 -0.72
CA TRP B 217 -44.24 -13.63 -0.48
C TRP B 217 -43.82 -13.84 0.97
N THR B 218 -43.80 -12.78 1.74
CA THR B 218 -43.38 -12.85 3.14
C THR B 218 -44.57 -12.90 4.09
N SER B 219 -44.29 -13.07 5.38
CA SER B 219 -45.33 -13.16 6.39
C SER B 219 -46.09 -11.85 6.57
N LYS B 220 -45.44 -10.74 6.28
CA LYS B 220 -46.07 -9.43 6.42
C LYS B 220 -45.93 -8.59 5.15
N PRO B 221 -46.81 -8.84 4.16
CA PRO B 221 -46.78 -8.10 2.89
C PRO B 221 -47.13 -6.63 3.07
N ARG B 224 -43.41 -3.65 4.27
CA ARG B 224 -42.84 -3.29 2.99
C ARG B 224 -41.35 -3.66 2.92
N ARG B 225 -40.69 -3.61 4.06
CA ARG B 225 -39.27 -3.98 4.14
C ARG B 225 -39.15 -5.47 4.45
N TRP B 226 -39.39 -6.29 3.44
CA TRP B 226 -39.41 -7.74 3.60
C TRP B 226 -38.11 -8.33 4.13
N TRP B 227 -36.99 -7.67 3.85
CA TRP B 227 -35.68 -8.21 4.22
C TRP B 227 -35.38 -8.04 5.71
N GLU B 228 -36.19 -7.25 6.40
CA GLU B 228 -35.96 -6.97 7.82
C GLU B 228 -36.34 -8.14 8.71
N GLN B 229 -36.79 -9.23 8.09
CA GLN B 229 -37.11 -10.45 8.81
C GLN B 229 -35.99 -11.47 8.65
N PHE B 230 -34.95 -11.08 7.94
CA PHE B 230 -33.79 -11.95 7.73
C PHE B 230 -32.53 -11.29 8.28
N VAL B 231 -32.32 -10.03 7.92
CA VAL B 231 -31.17 -9.26 8.41
C VAL B 231 -31.65 -7.99 9.10
N GLN B 232 -30.99 -7.64 10.20
CA GLN B 232 -31.40 -6.49 11.00
C GLN B 232 -30.71 -5.20 10.57
N ASP B 233 -31.45 -4.10 10.69
CA ASP B 233 -30.97 -2.73 10.40
C ASP B 233 -30.11 -2.60 9.14
N VAL B 234 -30.73 -2.81 7.98
CA VAL B 234 -30.06 -2.60 6.70
C VAL B 234 -30.92 -1.73 5.79
N PRO B 235 -30.55 -0.44 5.67
CA PRO B 235 -31.27 0.52 4.82
C PRO B 235 -31.29 0.11 3.35
N VAL B 236 -32.26 0.62 2.60
CA VAL B 236 -32.39 0.31 1.18
C VAL B 236 -31.21 0.90 0.39
N ASP B 237 -30.53 1.87 0.97
CA ASP B 237 -29.37 2.48 0.34
C ASP B 237 -28.25 1.44 0.16
N VAL B 238 -28.09 0.59 1.17
CA VAL B 238 -27.09 -0.46 1.14
C VAL B 238 -27.38 -1.46 0.04
N LEU B 239 -28.62 -1.95 -0.01
CA LEU B 239 -29.04 -2.93 -1.00
C LEU B 239 -28.96 -2.39 -2.42
N GLU B 240 -29.34 -1.13 -2.61
CA GLU B 240 -29.30 -0.51 -3.93
C GLU B 240 -27.88 -0.36 -4.44
N ASP B 241 -26.95 -0.11 -3.53
CA ASP B 241 -25.55 0.06 -3.88
C ASP B 241 -24.97 -1.25 -4.39
N ILE B 242 -25.30 -2.35 -3.71
CA ILE B 242 -24.81 -3.68 -4.09
C ILE B 242 -25.32 -4.16 -5.46
N CYS B 243 -26.56 -3.82 -5.81
CA CYS B 243 -27.16 -4.18 -7.10
C CYS B 243 -26.36 -3.55 -8.23
N HIS B 244 -26.05 -2.29 -7.93
CA HIS B 244 -25.40 -1.31 -8.76
C HIS B 244 -23.92 -1.64 -9.05
N GLN B 245 -23.27 -2.31 -8.12
CA GLN B 245 -21.93 -2.86 -8.35
C GLN B 245 -21.99 -4.12 -9.22
N ILE B 246 -23.07 -4.88 -9.06
CA ILE B 246 -23.29 -6.10 -9.83
C ILE B 246 -23.74 -5.75 -11.25
N LEU B 247 -24.64 -4.77 -11.36
CA LEU B 247 -25.16 -4.34 -12.65
C LEU B 247 -24.10 -3.68 -13.51
N ASP B 248 -23.09 -3.09 -12.88
CA ASP B 248 -22.04 -2.38 -13.62
C ASP B 248 -21.00 -3.36 -14.17
N LEU B 249 -21.16 -4.64 -13.88
CA LEU B 249 -20.35 -5.68 -14.49
C LEU B 249 -20.80 -5.93 -15.92
N TYR B 250 -22.12 -5.96 -16.11
CA TYR B 250 -22.70 -6.15 -17.43
C TYR B 250 -22.49 -4.92 -18.30
N SER B 251 -22.35 -3.77 -17.65
CA SER B 251 -22.09 -2.52 -18.35
C SER B 251 -20.68 -2.51 -18.92
N GLN B 252 -20.58 -2.79 -20.22
CA GLN B 252 -19.29 -2.84 -20.92
C GLN B 252 -18.32 -3.81 -20.26
N TRP C 7 -1.84 16.96 -7.73
CA TRP C 7 -2.42 15.67 -8.07
C TRP C 7 -1.35 14.69 -8.52
N GLY C 8 -1.67 13.40 -8.50
CA GLY C 8 -0.75 12.37 -8.92
C GLY C 8 -0.50 12.40 -10.42
N LYS C 9 0.77 12.26 -10.81
CA LYS C 9 1.13 12.32 -12.22
C LYS C 9 1.84 11.04 -12.67
N ARG C 10 1.05 10.04 -13.04
CA ARG C 10 1.58 8.74 -13.46
C ARG C 10 0.53 7.92 -14.21
N CYS C 11 -0.08 8.53 -15.22
CA CYS C 11 -1.13 7.87 -15.99
C CYS C 11 -0.64 7.34 -17.33
N VAL C 12 -1.31 6.29 -17.80
CA VAL C 12 -1.01 5.71 -19.11
C VAL C 12 -1.45 6.65 -20.22
N ASP C 13 -0.85 6.52 -21.39
CA ASP C 13 -1.18 7.37 -22.53
C ASP C 13 -2.62 7.15 -23.01
N LYS C 14 -3.57 7.74 -22.30
CA LYS C 14 -4.95 7.76 -22.75
C LYS C 14 -5.16 9.01 -23.61
N PHE C 15 -4.15 9.28 -24.43
CA PHE C 15 -4.15 10.41 -25.36
C PHE C 15 -4.06 9.88 -26.78
N ASP C 16 -4.99 10.28 -27.64
CA ASP C 16 -4.93 9.84 -29.03
C ASP C 16 -4.04 10.77 -29.84
N ILE C 17 -2.91 10.25 -30.28
CA ILE C 17 -1.90 11.04 -30.97
C ILE C 17 -2.34 11.37 -32.40
N ILE C 18 -2.20 12.63 -32.79
CA ILE C 18 -2.61 13.09 -34.11
C ILE C 18 -1.45 13.11 -35.08
N GLY C 19 -0.35 13.75 -34.68
CA GLY C 19 0.82 13.86 -35.53
C GLY C 19 2.00 14.51 -34.83
N ILE C 20 3.18 14.26 -35.36
CA ILE C 20 4.41 14.81 -34.81
C ILE C 20 4.55 16.29 -35.15
N ILE C 21 4.83 17.12 -34.15
CA ILE C 21 4.96 18.55 -34.35
C ILE C 21 6.38 18.91 -34.81
N GLY C 22 7.38 18.35 -34.13
CA GLY C 22 8.76 18.60 -34.49
C GLY C 22 9.74 17.80 -33.64
N GLU C 23 10.96 18.30 -33.52
CA GLU C 23 11.99 17.64 -32.73
C GLU C 23 12.57 18.59 -31.69
N GLY C 24 11.81 18.79 -30.61
CA GLY C 24 12.24 19.70 -29.55
C GLY C 24 13.37 19.13 -28.70
N THR C 25 13.67 19.82 -27.60
CA THR C 25 14.71 19.38 -26.67
C THR C 25 14.43 17.98 -26.12
N TYR C 26 15.49 17.18 -26.04
CA TYR C 26 15.46 15.80 -25.51
C TYR C 26 14.20 15.00 -25.85
N GLY C 27 13.82 15.00 -27.13
CA GLY C 27 12.71 14.19 -27.59
C GLY C 27 11.74 14.88 -28.52
N GLN C 28 11.12 14.10 -29.41
CA GLN C 28 10.09 14.58 -30.31
C GLN C 28 8.88 15.12 -29.56
N VAL C 29 8.20 16.10 -30.15
CA VAL C 29 6.97 16.63 -29.57
C VAL C 29 5.75 16.24 -30.40
N TYR C 30 4.81 15.53 -29.78
CA TYR C 30 3.63 15.03 -30.47
C TYR C 30 2.42 15.93 -30.24
N LYS C 31 1.51 15.92 -31.20
CA LYS C 31 0.22 16.59 -31.05
C LYS C 31 -0.88 15.56 -30.79
N ALA C 32 -1.71 15.81 -29.79
CA ALA C 32 -2.72 14.85 -29.40
C ALA C 32 -3.92 15.48 -28.72
N LYS C 33 -4.92 14.67 -28.42
CA LYS C 33 -6.11 15.10 -27.69
C LYS C 33 -6.55 13.98 -26.75
N ASP C 34 -6.66 14.28 -25.46
CA ASP C 34 -7.00 13.25 -24.48
C ASP C 34 -8.45 12.81 -24.63
N LYS C 35 -8.68 11.53 -24.40
CA LYS C 35 -9.99 10.91 -24.60
C LYS C 35 -11.08 11.43 -23.66
N ASP C 36 -10.73 11.66 -22.40
CA ASP C 36 -11.73 12.05 -21.41
C ASP C 36 -12.20 13.49 -21.54
N THR C 37 -11.29 14.44 -21.29
CA THR C 37 -11.61 15.87 -21.36
C THR C 37 -12.02 16.30 -22.76
N GLY C 38 -11.14 16.09 -23.73
CA GLY C 38 -11.27 16.70 -25.04
C GLY C 38 -10.26 17.81 -25.22
N GLU C 39 -10.36 18.51 -26.34
CA GLU C 39 -9.43 19.59 -26.71
C GLU C 39 -8.01 19.08 -26.93
N LEU C 40 -7.19 19.92 -27.58
CA LEU C 40 -5.85 19.52 -27.98
C LEU C 40 -4.81 19.65 -26.86
N VAL C 41 -3.73 18.89 -26.99
CA VAL C 41 -2.67 18.83 -25.99
C VAL C 41 -1.33 18.51 -26.65
N ALA C 42 -0.29 19.22 -26.23
CA ALA C 42 1.06 18.98 -26.74
C ALA C 42 1.81 18.03 -25.81
N LEU C 43 2.51 17.06 -26.38
CA LEU C 43 3.23 16.07 -25.59
C LEU C 43 4.73 16.10 -25.88
N LYS C 44 5.50 16.60 -24.92
CA LYS C 44 6.95 16.60 -25.03
C LYS C 44 7.50 15.29 -24.48
N LYS C 45 8.01 14.45 -25.37
CA LYS C 45 8.50 13.13 -24.98
C LYS C 45 9.88 13.17 -24.33
N VAL C 46 10.02 12.47 -23.22
CA VAL C 46 11.30 12.35 -22.52
C VAL C 46 11.66 10.88 -22.32
N ARG C 47 12.69 10.42 -23.03
CA ARG C 47 13.10 9.02 -22.96
C ARG C 47 14.19 8.77 -21.91
N LEU C 48 14.20 7.55 -21.38
CA LEU C 48 15.17 7.16 -20.36
C LEU C 48 16.15 6.11 -20.90
N ASP C 49 15.72 5.39 -21.93
CA ASP C 49 16.48 4.26 -22.46
C ASP C 49 17.65 4.69 -23.32
N ASN C 50 17.72 6.00 -23.60
CA ASN C 50 18.78 6.54 -24.45
C ASN C 50 20.02 6.91 -23.66
N GLU C 51 19.81 7.18 -22.37
CA GLU C 51 20.75 7.99 -21.62
C GLU C 51 21.24 7.38 -20.31
N LYS C 52 22.48 7.70 -19.97
CA LYS C 52 23.02 7.39 -18.66
C LYS C 52 22.85 8.58 -17.74
N GLU C 53 21.93 9.46 -18.09
CA GLU C 53 21.68 10.63 -17.26
C GLU C 53 20.60 10.20 -16.28
N GLY C 54 20.08 9.00 -16.53
CA GLY C 54 18.85 8.55 -15.90
C GLY C 54 17.81 9.51 -16.46
N PHE C 55 17.09 10.20 -15.58
CA PHE C 55 16.21 11.26 -16.02
C PHE C 55 17.05 12.48 -16.35
N PRO C 56 16.87 13.07 -17.54
CA PRO C 56 17.70 14.22 -17.94
C PRO C 56 17.52 15.42 -17.01
N ILE C 57 18.63 15.95 -16.50
CA ILE C 57 18.60 17.03 -15.54
C ILE C 57 18.02 18.32 -16.12
N THR C 58 18.19 18.52 -17.42
CA THR C 58 17.65 19.71 -18.08
C THR C 58 16.13 19.73 -18.00
N ALA C 59 15.52 18.55 -18.07
CA ALA C 59 14.08 18.43 -17.95
C ALA C 59 13.63 18.65 -16.51
N ILE C 60 14.50 18.31 -15.57
CA ILE C 60 14.19 18.45 -14.15
C ILE C 60 14.01 19.91 -13.75
N ARG C 61 14.89 20.79 -14.23
CA ARG C 61 14.79 22.20 -13.90
C ARG C 61 13.53 22.81 -14.50
N GLU C 62 13.17 22.35 -15.70
CA GLU C 62 11.97 22.83 -16.36
C GLU C 62 10.72 22.47 -15.55
N ILE C 63 10.67 21.23 -15.09
CA ILE C 63 9.55 20.76 -14.27
C ILE C 63 9.47 21.53 -12.95
N LYS C 64 10.62 21.75 -12.33
CA LYS C 64 10.66 22.45 -11.04
C LYS C 64 10.16 23.90 -11.15
N ILE C 65 10.30 24.47 -12.34
CA ILE C 65 9.94 25.87 -12.55
C ILE C 65 8.48 26.01 -12.96
N LEU C 66 8.03 25.15 -13.88
CA LEU C 66 6.67 25.22 -14.40
C LEU C 66 5.57 24.91 -13.39
N ARG C 67 5.91 24.20 -12.31
CA ARG C 67 4.96 23.83 -11.28
C ARG C 67 4.74 25.03 -10.38
N GLN C 68 5.70 25.93 -10.42
CA GLN C 68 5.60 27.17 -9.65
C GLN C 68 5.23 28.40 -10.45
N LEU C 69 5.10 28.28 -11.77
CA LEU C 69 4.61 29.38 -12.60
C LEU C 69 3.20 29.09 -13.10
N ILE C 70 2.20 29.77 -12.54
CA ILE C 70 0.82 29.59 -12.96
C ILE C 70 0.24 30.92 -13.42
N HIS C 71 0.30 31.17 -14.72
CA HIS C 71 -0.12 32.45 -15.29
C HIS C 71 -0.88 32.26 -16.60
N ARG C 72 -1.77 33.21 -16.89
CA ARG C 72 -2.62 33.14 -18.08
C ARG C 72 -1.80 33.26 -19.37
N SER C 73 -0.67 33.96 -19.28
CA SER C 73 0.18 34.18 -20.45
C SER C 73 1.50 33.43 -20.36
N VAL C 74 1.49 32.31 -19.64
CA VAL C 74 2.65 31.43 -19.56
C VAL C 74 2.23 29.98 -19.80
N VAL C 75 2.95 29.28 -20.66
CA VAL C 75 2.67 27.87 -20.94
C VAL C 75 2.79 27.06 -19.66
N ASN C 76 1.67 26.50 -19.21
CA ASN C 76 1.63 25.76 -17.96
C ASN C 76 1.59 24.26 -18.18
N MET C 77 2.45 23.54 -17.46
CA MET C 77 2.50 22.10 -17.54
C MET C 77 1.28 21.49 -16.86
N LYS C 78 0.45 20.80 -17.63
CA LYS C 78 -0.79 20.23 -17.11
C LYS C 78 -0.55 18.97 -16.30
N GLU C 79 0.23 18.04 -16.85
CA GLU C 79 0.43 16.74 -16.23
C GLU C 79 1.67 16.04 -16.81
N ILE C 80 2.06 14.94 -16.17
CA ILE C 80 3.13 14.08 -16.67
C ILE C 80 2.63 12.65 -16.74
N VAL C 81 2.71 12.05 -17.92
CA VAL C 81 2.15 10.70 -18.14
C VAL C 81 3.23 9.71 -18.60
N THR C 82 2.86 8.44 -18.69
CA THR C 82 3.81 7.37 -19.03
C THR C 82 3.26 6.36 -20.05
N ASP C 83 4.03 5.30 -20.29
CA ASP C 83 3.61 4.21 -21.19
C ASP C 83 3.11 3.01 -20.41
N LYS C 84 4.03 2.32 -19.74
CA LYS C 84 3.71 1.11 -18.98
C LYS C 84 3.03 0.06 -19.87
N LYS C 92 11.68 -3.47 -14.37
CA LYS C 92 12.74 -3.42 -15.37
C LYS C 92 12.18 -3.24 -16.77
N ASP C 93 11.68 -2.03 -17.04
CA ASP C 93 11.10 -1.73 -18.34
C ASP C 93 11.87 -0.64 -19.09
N LYS C 94 11.61 -0.53 -20.38
CA LYS C 94 12.22 0.51 -21.21
C LYS C 94 11.15 1.50 -21.65
N GLY C 95 10.59 2.23 -20.70
CA GLY C 95 9.52 3.16 -20.99
C GLY C 95 9.99 4.58 -21.21
N ALA C 96 9.05 5.51 -21.22
CA ALA C 96 9.35 6.93 -21.44
C ALA C 96 8.26 7.81 -20.85
N PHE C 97 8.64 9.01 -20.45
CA PHE C 97 7.70 9.98 -19.87
C PHE C 97 7.24 11.00 -20.90
N TYR C 98 6.10 11.63 -20.65
CA TYR C 98 5.56 12.63 -21.54
C TYR C 98 5.04 13.84 -20.77
N LEU C 99 5.60 15.01 -21.07
CA LEU C 99 5.17 16.24 -20.43
C LEU C 99 3.96 16.81 -21.16
N VAL C 100 2.87 17.04 -20.44
CA VAL C 100 1.64 17.52 -21.03
C VAL C 100 1.53 19.05 -20.97
N PHE C 101 1.45 19.68 -22.15
CA PHE C 101 1.30 21.12 -22.24
C PHE C 101 0.02 21.50 -22.97
N GLU C 102 -0.53 22.66 -22.65
CA GLU C 102 -1.68 23.19 -23.38
C GLU C 102 -1.27 23.53 -24.80
N TYR C 103 -2.02 23.00 -25.77
CA TYR C 103 -1.66 23.14 -27.17
C TYR C 103 -1.88 24.56 -27.68
N MET C 104 -0.90 25.06 -28.42
CA MET C 104 -1.01 26.35 -29.09
C MET C 104 -0.77 26.17 -30.58
N ASP C 105 -1.60 26.80 -31.39
CA ASP C 105 -1.61 26.53 -32.82
C ASP C 105 -0.41 27.12 -33.57
N HIS C 106 -0.06 28.36 -33.24
CA HIS C 106 0.97 29.09 -33.97
C HIS C 106 2.05 29.67 -33.06
N ASP C 107 3.14 30.13 -33.68
CA ASP C 107 4.16 30.89 -32.99
C ASP C 107 4.47 32.15 -33.79
N LEU C 108 4.97 33.18 -33.12
CA LEU C 108 5.18 34.48 -33.75
C LEU C 108 6.19 34.46 -34.89
N MET C 109 7.20 33.59 -34.80
CA MET C 109 8.22 33.51 -35.84
C MET C 109 7.64 33.00 -37.15
N GLY C 110 6.93 31.88 -37.10
CA GLY C 110 6.34 31.29 -38.28
C GLY C 110 5.33 32.17 -38.99
N LEU C 111 4.53 32.88 -38.20
CA LEU C 111 3.53 33.79 -38.76
C LEU C 111 4.18 34.96 -39.49
N LEU C 112 5.38 35.34 -39.05
CA LEU C 112 6.12 36.43 -39.66
C LEU C 112 7.00 35.94 -40.80
N GLU C 113 7.37 34.66 -40.78
CA GLU C 113 8.13 34.06 -41.86
C GLU C 113 7.34 34.16 -43.17
N SER C 114 6.08 33.74 -43.11
CA SER C 114 5.18 33.89 -44.25
C SER C 114 4.81 35.36 -44.43
N GLY C 115 4.63 35.78 -45.67
CA GLY C 115 4.22 37.15 -45.95
C GLY C 115 2.72 37.30 -45.89
N LEU C 116 2.05 36.32 -45.32
CA LEU C 116 0.59 36.29 -45.26
C LEU C 116 0.05 37.14 -44.11
N VAL C 117 0.66 37.01 -42.94
CA VAL C 117 0.14 37.64 -41.73
C VAL C 117 0.81 38.98 -41.42
N HIS C 118 0.02 40.04 -41.45
CA HIS C 118 0.47 41.36 -41.01
C HIS C 118 -0.40 41.82 -39.85
N PHE C 119 0.24 42.33 -38.80
CA PHE C 119 -0.47 42.71 -37.58
C PHE C 119 -0.79 44.19 -37.55
N SER C 120 -2.03 44.52 -37.21
CA SER C 120 -2.42 45.91 -36.95
C SER C 120 -1.71 46.49 -35.72
N GLU C 121 -1.91 47.77 -35.48
CA GLU C 121 -1.40 48.43 -34.28
C GLU C 121 -2.06 47.91 -33.00
N ASP C 122 -3.31 47.47 -33.10
CA ASP C 122 -4.04 47.00 -31.93
C ASP C 122 -3.74 45.53 -31.64
N HIS C 123 -3.36 44.79 -32.66
CA HIS C 123 -2.89 43.42 -32.47
C HIS C 123 -1.60 43.39 -31.67
N ILE C 124 -0.63 44.22 -32.08
CA ILE C 124 0.66 44.29 -31.41
C ILE C 124 0.52 44.75 -29.96
N LYS C 125 -0.39 45.68 -29.72
CA LYS C 125 -0.68 46.15 -28.37
C LYS C 125 -1.15 45.02 -27.47
N SER C 126 -2.13 44.26 -27.94
CA SER C 126 -2.69 43.15 -27.17
C SER C 126 -1.67 42.03 -27.00
N PHE C 127 -0.72 41.97 -27.93
CA PHE C 127 0.30 40.92 -27.90
C PHE C 127 1.42 41.27 -26.93
N MET C 128 1.95 42.48 -27.05
CA MET C 128 3.02 42.94 -26.17
C MET C 128 2.54 43.01 -24.72
N LYS C 129 1.25 43.28 -24.54
CA LYS C 129 0.65 43.32 -23.22
C LYS C 129 0.77 41.96 -22.56
N GLN C 130 0.21 40.94 -23.20
CA GLN C 130 0.25 39.57 -22.71
C GLN C 130 1.67 39.09 -22.43
N LEU C 131 2.60 39.44 -23.32
CA LEU C 131 3.98 39.01 -23.19
C LEU C 131 4.67 39.59 -21.95
N MET C 132 4.51 40.89 -21.73
CA MET C 132 5.17 41.56 -20.62
C MET C 132 4.47 41.28 -19.29
N GLU C 133 3.17 41.03 -19.36
CA GLU C 133 2.41 40.65 -18.17
C GLU C 133 2.88 39.29 -17.67
N GLY C 134 3.35 38.47 -18.59
CA GLY C 134 3.90 37.16 -18.25
C GLY C 134 5.29 37.29 -17.66
N LEU C 135 6.09 38.21 -18.19
CA LEU C 135 7.44 38.43 -17.70
C LEU C 135 7.44 39.01 -16.30
N GLU C 136 6.51 39.92 -16.02
CA GLU C 136 6.41 40.53 -14.70
C GLU C 136 6.10 39.46 -13.66
N TYR C 137 5.29 38.47 -14.06
CA TYR C 137 5.00 37.34 -13.18
C TYR C 137 6.24 36.50 -12.94
N CYS C 138 7.02 36.28 -14.00
CA CYS C 138 8.24 35.49 -13.91
C CYS C 138 9.34 36.22 -13.14
N HIS C 139 9.38 37.54 -13.28
CA HIS C 139 10.41 38.34 -12.64
C HIS C 139 10.10 38.60 -11.17
N LYS C 140 8.82 38.73 -10.84
CA LYS C 140 8.42 38.87 -9.44
C LYS C 140 8.63 37.56 -8.69
N LYS C 141 8.54 36.45 -9.41
CA LYS C 141 8.83 35.13 -8.85
C LYS C 141 10.32 34.85 -8.89
N ASN C 142 11.10 35.87 -9.25
CA ASN C 142 12.56 35.81 -9.28
C ASN C 142 13.08 34.77 -10.28
N PHE C 143 12.49 34.75 -11.46
CA PHE C 143 12.94 33.84 -12.51
C PHE C 143 13.38 34.59 -13.76
N LEU C 144 14.54 34.23 -14.29
CA LEU C 144 15.01 34.74 -15.57
C LEU C 144 14.65 33.75 -16.66
N HIS C 145 14.06 34.22 -17.74
CA HIS C 145 13.71 33.33 -18.84
C HIS C 145 14.96 32.85 -19.55
N ARG C 146 15.82 33.80 -19.90
CA ARG C 146 17.13 33.52 -20.48
C ARG C 146 17.09 32.80 -21.83
N ASP C 147 15.97 32.93 -22.54
CA ASP C 147 15.86 32.36 -23.89
C ASP C 147 14.63 32.89 -24.61
N ILE C 148 14.37 34.19 -24.46
CA ILE C 148 13.20 34.79 -25.10
C ILE C 148 13.48 35.08 -26.57
N LYS C 149 12.64 34.53 -27.44
CA LYS C 149 12.73 34.78 -28.87
C LYS C 149 11.37 34.64 -29.55
N CYS C 150 11.30 34.99 -30.82
CA CYS C 150 10.05 34.98 -31.56
C CYS C 150 9.45 33.58 -31.68
N SER C 151 10.31 32.57 -31.76
CA SER C 151 9.86 31.19 -31.88
C SER C 151 9.32 30.64 -30.56
N ASN C 152 9.83 31.16 -29.44
CA ASN C 152 9.41 30.68 -28.12
C ASN C 152 8.14 31.37 -27.62
N ILE C 153 7.51 32.16 -28.48
CA ILE C 153 6.27 32.82 -28.11
C ILE C 153 5.09 32.16 -28.84
N LEU C 154 4.22 31.51 -28.07
CA LEU C 154 3.13 30.73 -28.64
C LEU C 154 1.84 31.55 -28.68
N LEU C 155 1.20 31.54 -29.85
CA LEU C 155 -0.06 32.25 -30.05
C LEU C 155 -1.11 31.35 -30.68
N ASN C 156 -2.31 31.33 -30.11
CA ASN C 156 -3.39 30.52 -30.67
C ASN C 156 -4.36 31.37 -31.50
N ASN C 157 -5.42 30.73 -31.98
CA ASN C 157 -6.37 31.41 -32.85
C ASN C 157 -7.40 32.23 -32.08
N SER C 158 -7.30 32.24 -30.76
CA SER C 158 -8.23 32.99 -29.93
C SER C 158 -7.54 34.14 -29.21
N GLY C 159 -6.54 34.74 -29.86
CA GLY C 159 -5.89 35.93 -29.35
C GLY C 159 -4.97 35.74 -28.16
N GLN C 160 -5.06 34.58 -27.52
CA GLN C 160 -4.26 34.29 -26.33
C GLN C 160 -2.79 34.07 -26.67
N ILE C 161 -1.90 34.61 -25.82
CA ILE C 161 -0.46 34.45 -26.03
C ILE C 161 0.20 33.87 -24.78
N LYS C 162 1.09 32.91 -25.00
CA LYS C 162 1.82 32.29 -23.91
C LYS C 162 3.32 32.26 -24.18
N LEU C 163 4.12 32.41 -23.13
CA LEU C 163 5.57 32.34 -23.25
C LEU C 163 6.05 30.93 -22.92
N ALA C 164 6.91 30.37 -23.78
CA ALA C 164 7.29 28.97 -23.65
C ALA C 164 8.80 28.77 -23.55
N ASP C 165 9.20 27.50 -23.47
CA ASP C 165 10.60 27.08 -23.43
C ASP C 165 11.32 27.65 -22.21
N PHE C 166 11.07 27.04 -21.04
CA PHE C 166 11.70 27.48 -19.80
C PHE C 166 12.87 26.58 -19.43
N GLY C 167 13.50 25.95 -20.42
CA GLY C 167 14.63 25.08 -20.19
C GLY C 167 15.84 25.81 -19.64
N LEU C 168 16.15 26.95 -20.24
CA LEU C 168 17.31 27.73 -19.84
C LEU C 168 16.99 28.73 -18.74
N ALA C 169 15.81 28.59 -18.13
CA ALA C 169 15.39 29.49 -17.07
C ALA C 169 16.14 29.19 -15.78
N ARG C 170 16.33 30.21 -14.95
CA ARG C 170 17.04 30.06 -13.68
C ARG C 170 16.47 30.99 -12.62
N LEU C 171 16.86 30.76 -11.37
CA LEU C 171 16.37 31.58 -10.27
C LEU C 171 17.27 32.81 -10.08
N TYR C 172 16.66 33.93 -9.70
CA TYR C 172 17.39 35.18 -9.57
C TYR C 172 17.31 35.74 -8.15
N ASN C 173 18.42 36.33 -7.69
CA ASN C 173 18.47 36.96 -6.37
C ASN C 173 18.87 38.43 -6.48
N SER C 174 18.07 39.30 -5.87
CA SER C 174 18.31 40.73 -5.93
C SER C 174 19.48 41.14 -5.02
N GLU C 175 19.99 40.18 -4.25
CA GLU C 175 21.13 40.43 -3.36
C GLU C 175 22.44 40.44 -4.14
N GLU C 176 22.34 40.25 -5.46
CA GLU C 176 23.48 40.29 -6.36
C GLU C 176 24.54 39.25 -6.00
N SER C 177 24.12 38.21 -5.28
CA SER C 177 25.01 37.11 -4.93
C SER C 177 24.81 35.94 -5.89
N ARG C 178 24.90 36.21 -7.18
CA ARG C 178 24.61 35.19 -8.18
C ARG C 178 25.20 35.51 -9.56
N PRO C 179 26.37 34.91 -9.87
CA PRO C 179 26.97 34.90 -11.20
C PRO C 179 26.44 33.75 -12.06
N TYR C 180 25.82 34.06 -13.20
CA TYR C 180 25.22 33.03 -14.03
C TYR C 180 26.00 32.76 -15.32
N ASN C 182 27.05 33.00 -19.33
CA ASN C 182 27.20 34.06 -20.32
C ASN C 182 26.41 33.78 -21.61
N LYS C 183 26.67 32.63 -22.23
CA LYS C 183 26.01 32.27 -23.48
C LYS C 183 24.51 32.05 -23.28
N VAL C 184 23.73 33.11 -23.49
CA VAL C 184 22.30 33.11 -23.18
C VAL C 184 21.52 33.84 -24.28
N ILE C 185 20.23 33.52 -24.42
CA ILE C 185 19.27 34.22 -25.31
C ILE C 185 19.51 33.94 -26.80
N THR C 186 20.67 33.37 -27.12
CA THR C 186 21.15 33.19 -28.50
C THR C 186 21.48 34.55 -29.13
N LEU C 187 22.31 34.52 -30.16
CA LEU C 187 22.97 35.72 -30.69
C LEU C 187 22.05 36.87 -31.10
N TRP C 188 21.05 36.56 -31.91
CA TRP C 188 20.21 37.60 -32.51
C TRP C 188 19.49 38.52 -31.51
N TYR C 189 19.05 37.95 -30.40
CA TYR C 189 18.25 38.72 -29.44
C TYR C 189 19.03 38.99 -28.15
N ARG C 190 20.33 38.72 -28.18
CA ARG C 190 21.17 38.86 -26.99
C ARG C 190 21.47 40.32 -26.67
N PRO C 191 21.31 40.69 -25.39
CA PRO C 191 21.59 42.04 -24.88
C PRO C 191 23.06 42.43 -25.00
N PRO C 192 23.36 43.73 -24.98
CA PRO C 192 24.75 44.22 -25.11
C PRO C 192 25.64 43.85 -23.93
N GLU C 193 25.07 43.63 -22.75
CA GLU C 193 25.87 43.29 -21.58
C GLU C 193 26.47 41.88 -21.70
N LEU C 194 25.68 40.95 -22.22
CA LEU C 194 26.12 39.57 -22.40
C LEU C 194 27.19 39.47 -23.49
N LEU C 195 27.06 40.30 -24.52
CA LEU C 195 28.02 40.30 -25.62
C LEU C 195 29.37 40.85 -25.18
N LEU C 196 29.40 41.51 -24.02
CA LEU C 196 30.62 42.10 -23.51
C LEU C 196 31.18 41.31 -22.32
N GLY C 197 30.47 40.25 -21.94
CA GLY C 197 30.97 39.33 -20.93
C GLY C 197 30.39 39.47 -19.53
N GLU C 198 29.16 39.95 -19.43
CA GLU C 198 28.48 40.04 -18.13
C GLU C 198 28.03 38.66 -17.67
N GLU C 199 28.18 38.38 -16.38
CA GLU C 199 27.76 37.10 -15.83
C GLU C 199 26.79 37.28 -14.66
N ARG C 200 26.94 38.38 -13.93
CA ARG C 200 26.03 38.70 -12.84
C ARG C 200 25.02 39.74 -13.29
N TYR C 201 24.05 39.30 -14.08
CA TYR C 201 23.09 40.21 -14.70
C TYR C 201 21.73 40.23 -14.02
N THR C 202 20.80 40.97 -14.62
CA THR C 202 19.48 41.20 -14.06
C THR C 202 18.40 40.72 -15.03
N PRO C 203 17.13 40.68 -14.58
CA PRO C 203 16.02 40.37 -15.50
C PRO C 203 15.91 41.31 -16.71
N ALA C 204 16.75 42.34 -16.77
CA ALA C 204 16.72 43.30 -17.86
C ALA C 204 17.13 42.67 -19.19
N ILE C 205 17.74 41.49 -19.13
CA ILE C 205 18.14 40.79 -20.35
C ILE C 205 16.92 40.25 -21.09
N ASP C 206 15.86 39.97 -20.36
CA ASP C 206 14.62 39.48 -20.96
C ASP C 206 13.88 40.63 -21.61
N VAL C 207 14.01 41.81 -21.02
CA VAL C 207 13.35 43.01 -21.54
C VAL C 207 13.95 43.41 -22.89
N TRP C 208 15.27 43.29 -23.01
CA TRP C 208 15.95 43.59 -24.26
C TRP C 208 15.46 42.69 -25.38
N SER C 209 15.27 41.41 -25.06
CA SER C 209 14.79 40.44 -26.02
C SER C 209 13.40 40.82 -26.52
N CYS C 210 12.53 41.19 -25.58
CA CYS C 210 11.19 41.62 -25.93
C CYS C 210 11.22 42.89 -26.78
N GLY C 211 12.22 43.73 -26.53
CA GLY C 211 12.42 44.93 -27.32
C GLY C 211 12.80 44.57 -28.74
N CYS C 212 13.60 43.52 -28.89
CA CYS C 212 14.00 43.03 -30.20
C CYS C 212 12.82 42.37 -30.91
N ILE C 213 11.84 41.95 -30.13
CA ILE C 213 10.63 41.33 -30.67
C ILE C 213 9.61 42.41 -31.04
N LEU C 214 9.52 43.43 -30.20
CA LEU C 214 8.63 44.56 -30.45
C LEU C 214 8.95 45.24 -31.79
N GLY C 215 10.24 45.43 -32.04
CA GLY C 215 10.68 46.03 -33.29
C GLY C 215 10.52 45.07 -34.46
N GLU C 216 10.66 43.78 -34.17
CA GLU C 216 10.48 42.75 -35.18
C GLU C 216 9.06 42.74 -35.74
N LEU C 217 8.08 42.92 -34.86
CA LEU C 217 6.68 42.90 -35.24
C LEU C 217 6.35 44.00 -36.24
N PHE C 218 6.98 45.16 -36.08
CA PHE C 218 6.75 46.30 -36.95
C PHE C 218 7.55 46.19 -38.25
N THR C 219 8.57 45.35 -38.25
CA THR C 219 9.45 45.24 -39.41
C THR C 219 9.43 43.84 -40.04
N LYS C 220 8.57 42.97 -39.51
CA LYS C 220 8.39 41.61 -40.02
C LYS C 220 9.64 40.72 -39.92
N LYS C 221 10.81 41.32 -40.04
CA LYS C 221 12.07 40.60 -39.91
C LYS C 221 12.83 41.08 -38.68
N PRO C 222 13.67 40.20 -38.09
CA PRO C 222 14.52 40.56 -36.96
C PRO C 222 15.39 41.78 -37.24
N ILE C 223 15.63 42.58 -36.21
CA ILE C 223 16.34 43.84 -36.39
C ILE C 223 17.86 43.69 -36.28
N PHE C 224 18.31 42.63 -35.62
CA PHE C 224 19.75 42.36 -35.51
C PHE C 224 20.10 40.94 -35.96
N GLN C 225 20.61 40.82 -37.18
CA GLN C 225 20.96 39.53 -37.75
C GLN C 225 22.45 39.44 -38.09
N ALA C 226 23.21 38.71 -37.27
CA ALA C 226 24.63 38.53 -37.52
C ALA C 226 25.05 37.10 -37.23
N ASN C 227 26.21 36.70 -37.77
CA ASN C 227 26.73 35.36 -37.57
C ASN C 227 27.80 35.32 -36.49
N LEU C 228 28.52 36.42 -36.33
CA LEU C 228 29.54 36.52 -35.30
C LEU C 228 29.04 37.39 -34.14
N GLU C 229 29.62 37.19 -32.97
CA GLU C 229 29.22 37.93 -31.78
C GLU C 229 29.74 39.36 -31.83
N LEU C 230 30.93 39.53 -32.41
CA LEU C 230 31.50 40.86 -32.61
C LEU C 230 30.66 41.64 -33.60
N ALA C 231 30.23 40.97 -34.66
CA ALA C 231 29.39 41.58 -35.68
C ALA C 231 28.04 42.00 -35.08
N GLN C 232 27.50 41.17 -34.21
CA GLN C 232 26.22 41.44 -33.56
C GLN C 232 26.26 42.71 -32.75
N LEU C 233 27.37 42.93 -32.05
CA LEU C 233 27.55 44.13 -31.24
C LEU C 233 27.58 45.38 -32.12
N GLU C 234 28.18 45.24 -33.31
CA GLU C 234 28.27 46.35 -34.24
C GLU C 234 26.90 46.76 -34.78
N LEU C 235 26.05 45.76 -35.05
CA LEU C 235 24.70 46.03 -35.54
C LEU C 235 23.87 46.77 -34.49
N ILE C 236 24.03 46.38 -33.23
CA ILE C 236 23.35 47.06 -32.13
C ILE C 236 23.88 48.48 -31.99
N SER C 237 25.20 48.62 -32.09
CA SER C 237 25.85 49.92 -31.96
C SER C 237 25.42 50.90 -33.04
N ARG C 238 25.31 50.41 -34.28
CA ARG C 238 24.93 51.25 -35.41
C ARG C 238 23.55 51.88 -35.27
N LEU C 239 22.70 51.26 -34.44
CA LEU C 239 21.33 51.73 -34.29
C LEU C 239 21.06 52.29 -32.90
N CYS C 240 21.67 51.68 -31.89
CA CYS C 240 21.43 52.11 -30.50
C CYS C 240 22.54 53.01 -29.98
N GLY C 241 23.61 53.15 -30.76
CA GLY C 241 24.74 53.97 -30.34
C GLY C 241 25.83 53.11 -29.73
N SER C 242 27.08 53.54 -29.91
CA SER C 242 28.23 52.82 -29.36
C SER C 242 28.22 52.92 -27.83
N PRO C 243 28.69 51.85 -27.16
CA PRO C 243 28.74 51.80 -25.70
C PRO C 243 29.70 52.83 -25.12
N CYS C 244 29.21 54.05 -24.95
CA CYS C 244 30.01 55.12 -24.36
C CYS C 244 29.78 55.19 -22.85
N PRO C 245 30.79 55.60 -22.09
CA PRO C 245 30.64 55.73 -20.64
C PRO C 245 29.60 56.78 -20.26
N ALA C 246 29.39 57.75 -21.14
CA ALA C 246 28.40 58.80 -20.91
C ALA C 246 26.99 58.22 -20.95
N VAL C 247 26.79 57.26 -21.85
CA VAL C 247 25.49 56.62 -22.00
C VAL C 247 25.39 55.39 -21.09
N TRP C 248 26.55 54.88 -20.70
CA TRP C 248 26.64 53.62 -19.96
C TRP C 248 27.90 53.60 -19.11
N PRO C 249 27.84 54.16 -17.90
CA PRO C 249 28.98 54.35 -17.01
C PRO C 249 29.69 53.05 -16.61
N ASP C 250 28.92 51.98 -16.41
CA ASP C 250 29.48 50.73 -15.92
C ASP C 250 29.92 49.80 -17.06
N VAL C 251 30.02 50.33 -18.27
CA VAL C 251 30.42 49.53 -19.42
C VAL C 251 31.92 49.22 -19.37
N ILE C 252 32.67 50.01 -18.60
CA ILE C 252 34.11 49.83 -18.49
C ILE C 252 34.46 48.64 -17.62
N LYS C 253 33.53 48.21 -16.79
CA LYS C 253 33.75 47.09 -15.88
C LYS C 253 33.46 45.76 -16.55
N LEU C 254 33.32 45.77 -17.87
CA LEU C 254 33.07 44.56 -18.64
C LEU C 254 34.36 44.09 -19.32
N PRO C 255 34.62 42.77 -19.26
CA PRO C 255 35.84 42.14 -19.77
C PRO C 255 36.15 42.44 -21.24
N TYR C 256 35.12 42.45 -22.07
CA TYR C 256 35.32 42.57 -23.51
C TYR C 256 34.95 43.96 -24.05
N PHE C 257 35.11 44.98 -23.21
CA PHE C 257 34.76 46.33 -23.61
C PHE C 257 35.79 46.93 -24.57
N ASN C 258 37.05 46.97 -24.14
CA ASN C 258 38.11 47.55 -24.95
C ASN C 258 38.52 46.68 -26.13
N THR C 259 38.08 45.43 -26.12
CA THR C 259 38.46 44.47 -27.17
C THR C 259 37.36 44.28 -28.21
N MET C 260 36.20 44.90 -27.99
CA MET C 260 35.10 44.79 -28.93
C MET C 260 34.53 46.15 -29.31
N LYS C 261 35.38 47.17 -29.33
CA LYS C 261 34.96 48.51 -29.73
C LYS C 261 34.66 48.55 -31.23
N PRO C 262 33.43 48.91 -31.59
CA PRO C 262 32.99 48.98 -32.99
C PRO C 262 33.58 50.19 -33.72
N GLN C 265 32.80 55.52 -33.04
CA GLN C 265 31.59 55.66 -32.25
C GLN C 265 30.38 55.91 -33.14
N TYR C 266 29.20 55.50 -32.65
CA TYR C 266 27.96 55.65 -33.41
C TYR C 266 26.94 56.47 -32.64
N ARG C 267 26.17 57.29 -33.37
CA ARG C 267 25.09 58.06 -32.77
C ARG C 267 23.79 57.25 -32.78
N ARG C 268 23.06 57.31 -31.67
CA ARG C 268 21.81 56.56 -31.52
C ARG C 268 20.74 57.02 -32.50
N ARG C 269 20.65 56.35 -33.64
CA ARG C 269 19.66 56.70 -34.66
C ARG C 269 18.47 55.74 -34.62
N LEU C 270 18.02 55.38 -33.44
CA LEU C 270 16.92 54.43 -33.28
C LEU C 270 15.58 55.01 -33.74
N ARG C 271 15.26 56.21 -33.26
CA ARG C 271 13.99 56.86 -33.60
C ARG C 271 13.94 57.25 -35.06
N GLU C 272 15.10 57.42 -35.67
CA GLU C 272 15.19 57.80 -37.07
C GLU C 272 14.85 56.62 -37.99
N GLU C 273 15.33 55.44 -37.63
CA GLU C 273 15.17 54.25 -38.48
C GLU C 273 13.82 53.55 -38.22
N PHE C 274 13.09 54.02 -37.22
CA PHE C 274 11.77 53.47 -36.92
C PHE C 274 10.71 54.55 -36.93
N SER C 275 10.81 55.46 -37.91
CA SER C 275 9.89 56.59 -38.02
C SER C 275 8.45 56.14 -38.27
N PHE C 276 8.28 55.08 -39.05
CA PHE C 276 6.95 54.58 -39.40
C PHE C 276 6.18 54.11 -38.16
N ILE C 277 6.92 53.63 -37.17
CA ILE C 277 6.34 53.22 -35.89
C ILE C 277 5.67 54.40 -35.18
N PRO C 278 4.43 54.21 -34.71
CA PRO C 278 3.67 55.22 -33.96
C PRO C 278 4.48 55.83 -32.82
N SER C 279 4.19 57.09 -32.50
CA SER C 279 4.94 57.83 -31.49
C SER C 279 4.88 57.17 -30.11
N ALA C 280 3.71 56.65 -29.76
CA ALA C 280 3.52 55.98 -28.48
C ALA C 280 4.28 54.66 -28.44
N ALA C 281 4.34 54.00 -29.60
CA ALA C 281 5.01 52.71 -29.71
C ALA C 281 6.53 52.86 -29.70
N LEU C 282 7.00 53.96 -30.28
CA LEU C 282 8.43 54.18 -30.42
C LEU C 282 9.05 54.58 -29.08
N ASP C 283 8.24 55.18 -28.22
CA ASP C 283 8.69 55.54 -26.87
C ASP C 283 9.05 54.30 -26.06
N LEU C 284 8.27 53.23 -26.25
CA LEU C 284 8.57 51.96 -25.58
C LEU C 284 9.79 51.29 -26.18
N LEU C 285 9.86 51.27 -27.51
CA LEU C 285 10.95 50.60 -28.22
C LEU C 285 12.28 51.26 -27.89
N ASP C 286 12.24 52.57 -27.66
CA ASP C 286 13.44 53.34 -27.34
C ASP C 286 13.93 53.02 -25.93
N HIS C 287 13.00 52.85 -25.00
CA HIS C 287 13.34 52.61 -23.60
C HIS C 287 13.70 51.15 -23.34
N MET C 288 13.13 50.25 -24.13
CA MET C 288 13.45 48.83 -24.02
C MET C 288 14.85 48.54 -24.55
N LEU C 289 15.26 49.29 -25.57
CA LEU C 289 16.53 49.03 -26.24
C LEU C 289 17.63 50.00 -25.80
N THR C 290 17.67 50.32 -24.52
CA THR C 290 18.76 51.12 -23.97
C THR C 290 19.92 50.22 -23.56
N LEU C 291 21.14 50.70 -23.80
CA LEU C 291 22.34 49.90 -23.57
C LEU C 291 22.53 49.55 -22.09
N ASP C 292 22.50 50.56 -21.23
CA ASP C 292 22.69 50.37 -19.81
C ASP C 292 21.52 49.60 -19.20
N PRO C 293 21.81 48.41 -18.63
CA PRO C 293 20.79 47.56 -18.00
C PRO C 293 20.12 48.25 -16.82
N SER C 294 20.90 48.99 -16.04
CA SER C 294 20.39 49.71 -14.89
C SER C 294 19.52 50.88 -15.33
N LYS C 295 19.78 51.38 -16.53
CA LYS C 295 19.02 52.50 -17.08
C LYS C 295 18.03 52.02 -18.14
N ARG C 296 17.51 50.80 -17.94
CA ARG C 296 16.60 50.19 -18.90
C ARG C 296 15.25 49.92 -18.27
N CYS C 297 14.19 50.02 -19.07
CA CYS C 297 12.84 49.75 -18.60
C CYS C 297 12.70 48.33 -18.07
N THR C 298 11.95 48.17 -16.99
CA THR C 298 11.66 46.85 -16.46
C THR C 298 10.35 46.30 -17.00
N ALA C 299 9.95 45.13 -16.53
CA ALA C 299 8.71 44.50 -16.99
C ALA C 299 7.49 45.25 -16.47
N GLU C 300 7.54 45.65 -15.21
CA GLU C 300 6.43 46.37 -14.59
C GLU C 300 6.25 47.75 -15.24
N GLN C 301 7.36 48.36 -15.63
CA GLN C 301 7.35 49.69 -16.22
C GLN C 301 6.78 49.70 -17.64
N THR C 302 7.06 48.65 -18.40
CA THR C 302 6.63 48.57 -19.79
C THR C 302 5.11 48.37 -19.93
N LEU C 303 4.50 47.81 -18.89
CA LEU C 303 3.05 47.61 -18.87
C LEU C 303 2.29 48.88 -18.55
N GLN C 304 3.04 49.96 -18.30
CA GLN C 304 2.44 51.22 -17.88
C GLN C 304 2.78 52.36 -18.85
N SER C 305 3.47 52.02 -19.94
CA SER C 305 3.81 52.99 -20.96
C SER C 305 2.57 53.37 -21.76
N ASP C 306 2.71 54.34 -22.65
CA ASP C 306 1.57 54.83 -23.42
C ASP C 306 1.02 53.76 -24.35
N PHE C 307 1.91 52.90 -24.85
CA PHE C 307 1.55 51.91 -25.85
C PHE C 307 0.85 50.66 -25.28
N LEU C 308 0.74 50.58 -23.94
CA LEU C 308 0.17 49.37 -23.32
C LEU C 308 -0.55 49.60 -22.01
N LYS C 309 -0.72 50.85 -21.59
CA LYS C 309 -1.35 51.10 -20.30
C LYS C 309 -2.86 50.99 -20.38
N ASP C 310 -3.44 51.40 -21.49
CA ASP C 310 -4.89 51.47 -21.61
C ASP C 310 -5.44 50.22 -22.29
N VAL C 311 -4.56 49.44 -22.90
CA VAL C 311 -4.93 48.19 -23.58
C VAL C 311 -5.81 47.30 -22.72
N GLU C 312 -7.12 47.36 -22.94
CA GLU C 312 -8.05 46.47 -22.25
C GLU C 312 -8.16 45.18 -23.06
N LEU C 313 -7.63 44.09 -22.51
CA LEU C 313 -7.54 42.82 -23.22
C LEU C 313 -8.90 42.24 -23.62
N SER C 314 -9.87 42.37 -22.72
CA SER C 314 -11.20 41.80 -22.95
C SER C 314 -11.98 42.55 -24.02
N LYS C 315 -11.49 43.72 -24.40
CA LYS C 315 -12.15 44.52 -25.43
C LYS C 315 -11.49 44.32 -26.79
N MET C 316 -10.44 43.50 -26.83
CA MET C 316 -9.73 43.24 -28.07
C MET C 316 -10.35 42.09 -28.86
N ALA C 317 -10.38 42.26 -30.18
CA ALA C 317 -10.87 41.22 -31.08
C ALA C 317 -9.73 40.32 -31.53
N PRO C 318 -9.99 39.01 -31.60
CA PRO C 318 -8.99 38.02 -32.04
C PRO C 318 -8.47 38.31 -33.45
N PRO C 319 -7.20 37.94 -33.71
CA PRO C 319 -6.55 38.19 -35.00
C PRO C 319 -7.17 37.40 -36.15
N ASP C 320 -6.57 37.52 -37.33
CA ASP C 320 -7.04 36.79 -38.50
C ASP C 320 -6.08 35.66 -38.87
N LEU C 321 -5.73 34.85 -37.88
CA LEU C 321 -4.80 33.74 -38.09
C LEU C 321 -5.46 32.58 -38.83
N PRO C 322 -4.85 32.15 -39.94
CA PRO C 322 -5.35 31.02 -40.73
C PRO C 322 -4.74 29.69 -40.29
N HIS C 323 -5.54 28.62 -40.35
CA HIS C 323 -5.07 27.29 -40.00
C HIS C 323 -4.36 26.67 -41.20
N TRP C 324 -3.14 26.18 -40.96
CA TRP C 324 -2.33 25.63 -42.05
C TRP C 324 -2.11 24.13 -41.86
N CYS D 11 4.82 -14.14 13.31
CA CYS D 11 5.81 -13.47 14.16
C CYS D 11 7.11 -14.27 14.21
N VAL D 12 8.22 -13.58 14.45
CA VAL D 12 9.51 -14.24 14.58
C VAL D 12 9.55 -15.01 15.90
N ASP D 13 10.35 -16.07 15.97
CA ASP D 13 10.46 -16.85 17.19
C ASP D 13 11.12 -16.06 18.31
N LYS D 14 10.33 -15.20 18.96
CA LYS D 14 10.82 -14.52 20.14
C LYS D 14 10.48 -15.39 21.35
N PHE D 15 10.66 -16.69 21.18
CA PHE D 15 10.46 -17.69 22.22
C PHE D 15 11.78 -18.40 22.46
N ASP D 16 12.23 -18.44 23.71
CA ASP D 16 13.47 -19.15 24.00
C ASP D 16 13.15 -20.61 24.29
N ILE D 17 13.62 -21.48 23.41
CA ILE D 17 13.31 -22.91 23.51
C ILE D 17 14.10 -23.55 24.65
N ILE D 18 13.41 -24.34 25.46
CA ILE D 18 14.02 -24.99 26.61
C ILE D 18 14.48 -26.40 26.26
N GLY D 19 13.57 -27.19 25.71
CA GLY D 19 13.88 -28.56 25.34
C GLY D 19 12.74 -29.24 24.61
N ILE D 20 13.06 -30.29 23.87
CA ILE D 20 12.07 -31.04 23.11
C ILE D 20 11.25 -31.95 24.03
N ILE D 21 9.94 -31.90 23.86
CA ILE D 21 9.04 -32.71 24.68
C ILE D 21 8.91 -34.11 24.11
N GLY D 22 8.76 -34.19 22.79
CA GLY D 22 8.65 -35.47 22.12
C GLY D 22 8.56 -35.34 20.61
N GLU D 23 7.96 -36.34 19.97
CA GLU D 23 7.80 -36.34 18.53
C GLU D 23 6.33 -36.49 18.15
N GLY D 24 5.58 -35.39 18.29
CA GLY D 24 4.17 -35.39 18.01
C GLY D 24 3.85 -35.44 16.52
N THR D 25 2.57 -35.24 16.20
CA THR D 25 2.11 -35.23 14.81
C THR D 25 2.83 -34.18 13.97
N TYR D 26 3.20 -34.57 12.76
CA TYR D 26 3.87 -33.73 11.76
C TYR D 26 4.90 -32.75 12.33
N GLY D 27 5.79 -33.22 13.19
CA GLY D 27 6.83 -32.36 13.71
C GLY D 27 7.06 -32.44 15.22
N GLN D 28 8.29 -32.12 15.61
CA GLN D 28 8.68 -32.07 17.01
C GLN D 28 7.83 -31.08 17.81
N VAL D 29 7.61 -31.38 19.09
CA VAL D 29 6.92 -30.45 19.97
C VAL D 29 7.92 -29.91 20.99
N TYR D 30 8.14 -28.60 20.96
CA TYR D 30 9.14 -27.97 21.81
C TYR D 30 8.54 -27.33 23.07
N LYS D 31 9.33 -27.25 24.12
CA LYS D 31 8.95 -26.52 25.33
C LYS D 31 9.71 -25.21 25.37
N ALA D 32 9.01 -24.12 25.64
CA ALA D 32 9.65 -22.80 25.60
C ALA D 32 8.95 -21.77 26.47
N LYS D 33 9.57 -20.60 26.57
CA LYS D 33 9.02 -19.47 27.33
C LYS D 33 9.50 -18.17 26.71
N ASP D 34 8.60 -17.48 26.01
CA ASP D 34 8.94 -16.26 25.29
C ASP D 34 9.39 -15.14 26.21
N LYS D 35 10.34 -14.34 25.72
CA LYS D 35 10.93 -13.26 26.50
C LYS D 35 9.88 -12.21 26.84
N ASP D 36 8.97 -11.97 25.89
CA ASP D 36 7.93 -10.96 26.04
C ASP D 36 6.86 -11.40 27.02
N THR D 37 6.16 -12.48 26.69
CA THR D 37 5.08 -12.99 27.52
C THR D 37 5.50 -13.37 28.93
N GLY D 38 6.38 -14.37 29.02
CA GLY D 38 6.69 -15.01 30.27
C GLY D 38 5.93 -16.32 30.29
N GLU D 39 6.03 -17.08 31.39
CA GLU D 39 5.34 -18.36 31.53
C GLU D 39 5.75 -19.38 30.48
N LEU D 40 5.42 -20.65 30.73
CA LEU D 40 5.81 -21.72 29.82
C LEU D 40 4.84 -21.81 28.65
N VAL D 41 5.31 -22.38 27.53
CA VAL D 41 4.52 -22.46 26.31
C VAL D 41 4.93 -23.68 25.48
N ALA D 42 3.95 -24.41 24.97
CA ALA D 42 4.21 -25.56 24.10
C ALA D 42 4.17 -25.15 22.63
N LEU D 43 5.14 -25.63 21.86
CA LEU D 43 5.24 -25.27 20.45
C LEU D 43 5.16 -26.50 19.54
N LYS D 44 4.04 -26.64 18.84
CA LYS D 44 3.87 -27.72 17.87
C LYS D 44 4.39 -27.31 16.51
N LYS D 45 5.52 -27.91 16.11
CA LYS D 45 6.17 -27.57 14.85
C LYS D 45 5.46 -28.20 13.66
N VAL D 46 5.29 -27.42 12.60
CA VAL D 46 4.68 -27.91 11.37
C VAL D 46 5.61 -27.70 10.18
N ARG D 47 6.11 -28.79 9.62
CA ARG D 47 7.06 -28.73 8.52
C ARG D 47 6.34 -28.76 7.18
N LEU D 48 6.96 -28.17 6.16
CA LEU D 48 6.37 -28.12 4.83
C LEU D 48 7.14 -28.97 3.84
N LYS D 52 5.49 -32.38 -0.58
CA LYS D 52 4.29 -32.72 -1.33
C LYS D 52 3.07 -31.99 -0.77
N GLU D 53 2.29 -31.38 -1.67
CA GLU D 53 1.08 -30.64 -1.30
C GLU D 53 1.34 -29.43 -0.38
N GLY D 54 2.58 -29.23 0.04
CA GLY D 54 2.90 -28.19 1.00
C GLY D 54 2.40 -28.37 2.42
N PHE D 55 1.56 -27.44 2.85
CA PHE D 55 1.00 -27.47 4.19
C PHE D 55 0.04 -28.64 4.37
N PRO D 56 0.27 -29.45 5.41
CA PRO D 56 -0.50 -30.67 5.69
C PRO D 56 -1.97 -30.40 5.96
N ILE D 57 -2.84 -31.09 5.23
CA ILE D 57 -4.28 -30.90 5.36
C ILE D 57 -4.76 -31.34 6.74
N THR D 58 -4.07 -32.31 7.34
CA THR D 58 -4.41 -32.80 8.67
C THR D 58 -4.25 -31.70 9.72
N ALA D 59 -3.25 -30.85 9.51
CA ALA D 59 -3.01 -29.72 10.40
C ALA D 59 -4.06 -28.63 10.21
N ILE D 60 -4.57 -28.52 8.99
CA ILE D 60 -5.57 -27.49 8.66
C ILE D 60 -6.88 -27.70 9.43
N ARG D 61 -7.36 -28.93 9.48
CA ARG D 61 -8.62 -29.21 10.19
C ARG D 61 -8.43 -28.95 11.68
N GLU D 62 -7.24 -29.28 12.17
CA GLU D 62 -6.91 -29.07 13.57
C GLU D 62 -6.96 -27.58 13.90
N ILE D 63 -6.35 -26.78 13.03
CA ILE D 63 -6.37 -25.33 13.18
C ILE D 63 -7.80 -24.78 13.04
N LYS D 64 -8.54 -25.31 12.07
CA LYS D 64 -9.90 -24.86 11.80
C LYS D 64 -10.86 -25.10 12.96
N ILE D 65 -10.57 -26.12 13.77
CA ILE D 65 -11.46 -26.50 14.86
C ILE D 65 -11.13 -25.76 16.16
N LEU D 66 -9.84 -25.65 16.45
CA LEU D 66 -9.38 -25.03 17.69
C LEU D 66 -9.76 -23.55 17.79
N ARG D 67 -10.06 -22.93 16.66
CA ARG D 67 -10.36 -21.51 16.65
C ARG D 67 -11.79 -21.20 17.10
N GLN D 68 -12.69 -22.18 17.08
CA GLN D 68 -14.02 -21.95 17.61
C GLN D 68 -14.18 -22.54 19.01
N LEU D 69 -13.18 -23.26 19.50
CA LEU D 69 -13.27 -23.84 20.84
C LEU D 69 -12.39 -23.09 21.84
N ILE D 70 -13.04 -22.28 22.66
CA ILE D 70 -12.37 -21.51 23.70
C ILE D 70 -12.99 -21.83 25.07
N HIS D 71 -12.37 -22.74 25.80
CA HIS D 71 -12.89 -23.18 27.08
C HIS D 71 -11.76 -23.30 28.10
N ARG D 72 -12.09 -23.13 29.37
CA ARG D 72 -11.10 -23.14 30.44
C ARG D 72 -10.40 -24.49 30.61
N SER D 73 -11.12 -25.57 30.31
CA SER D 73 -10.57 -26.91 30.43
C SER D 73 -10.39 -27.56 29.07
N VAL D 74 -10.18 -26.73 28.07
CA VAL D 74 -9.88 -27.19 26.71
C VAL D 74 -8.65 -26.46 26.21
N VAL D 75 -7.69 -27.22 25.68
CA VAL D 75 -6.46 -26.64 25.17
C VAL D 75 -6.72 -25.64 24.05
N ASN D 76 -6.40 -24.37 24.30
CA ASN D 76 -6.65 -23.32 23.34
C ASN D 76 -5.38 -22.85 22.64
N MET D 77 -5.45 -22.76 21.32
CA MET D 77 -4.34 -22.29 20.51
C MET D 77 -4.19 -20.78 20.68
N LYS D 78 -3.06 -20.35 21.22
CA LYS D 78 -2.84 -18.93 21.50
C LYS D 78 -2.52 -18.15 20.22
N GLU D 79 -1.56 -18.66 19.45
CA GLU D 79 -1.09 -17.96 18.26
C GLU D 79 -0.32 -18.90 17.34
N ILE D 80 0.00 -18.41 16.14
CA ILE D 80 0.85 -19.16 15.22
C ILE D 80 2.00 -18.28 14.73
N VAL D 81 3.22 -18.75 14.96
CA VAL D 81 4.41 -17.97 14.61
C VAL D 81 5.32 -18.76 13.67
N THR D 82 6.33 -18.09 13.14
CA THR D 82 7.27 -18.70 12.19
C THR D 82 8.70 -18.29 12.49
N ASP D 83 9.61 -18.72 11.63
CA ASP D 83 11.03 -18.39 11.77
C ASP D 83 11.47 -17.28 10.82
N ALA D 96 9.19 -22.72 8.53
CA ALA D 96 8.29 -23.65 9.22
C ALA D 96 7.38 -22.91 10.18
N PHE D 97 6.18 -23.46 10.41
CA PHE D 97 5.23 -22.85 11.33
C PHE D 97 5.24 -23.53 12.69
N TYR D 98 4.78 -22.80 13.70
CA TYR D 98 4.72 -23.31 15.06
C TYR D 98 3.41 -22.94 15.76
N LEU D 99 2.68 -23.95 16.20
CA LEU D 99 1.42 -23.73 16.90
C LEU D 99 1.67 -23.51 18.40
N VAL D 100 1.19 -22.39 18.91
CA VAL D 100 1.43 -22.01 20.30
C VAL D 100 0.29 -22.48 21.21
N PHE D 101 0.62 -23.34 22.16
CA PHE D 101 -0.35 -23.82 23.14
C PHE D 101 0.10 -23.50 24.56
N GLU D 102 -0.87 -23.35 25.47
CA GLU D 102 -0.56 -23.17 26.88
C GLU D 102 0.07 -24.44 27.43
N TYR D 103 1.24 -24.30 28.05
CA TYR D 103 2.00 -25.45 28.52
C TYR D 103 1.37 -26.13 29.74
N MET D 104 1.31 -27.46 29.70
CA MET D 104 0.83 -28.25 30.82
C MET D 104 1.91 -29.26 31.20
N ASP D 105 2.19 -29.40 32.49
CA ASP D 105 3.35 -30.19 32.93
C ASP D 105 3.15 -31.70 32.82
N HIS D 106 1.96 -32.18 33.19
CA HIS D 106 1.74 -33.63 33.22
C HIS D 106 0.50 -34.07 32.45
N ASP D 107 0.40 -35.38 32.25
CA ASP D 107 -0.80 -36.00 31.68
C ASP D 107 -1.20 -37.18 32.56
N LEU D 108 -2.49 -37.54 32.51
CA LEU D 108 -3.04 -38.56 33.39
C LEU D 108 -2.39 -39.93 33.21
N MET D 109 -1.94 -40.22 31.99
CA MET D 109 -1.31 -41.51 31.69
C MET D 109 0.01 -41.66 32.44
N GLY D 110 0.88 -40.67 32.31
CA GLY D 110 2.18 -40.68 32.95
C GLY D 110 2.08 -40.75 34.47
N LEU D 111 1.10 -40.03 35.02
CA LEU D 111 0.88 -40.02 36.46
C LEU D 111 0.44 -41.39 36.96
N LEU D 112 -0.23 -42.14 36.10
CA LEU D 112 -0.70 -43.47 36.46
C LEU D 112 0.35 -44.53 36.15
N HIS D 118 -1.38 -41.88 43.67
CA HIS D 118 -2.73 -42.35 43.94
C HIS D 118 -3.70 -41.19 44.17
N PHE D 119 -4.86 -41.26 43.53
CA PHE D 119 -5.83 -40.16 43.59
C PHE D 119 -6.93 -40.43 44.62
N SER D 120 -7.20 -39.41 45.44
CA SER D 120 -8.37 -39.40 46.32
C SER D 120 -9.68 -39.38 45.55
N GLU D 121 -10.78 -39.49 46.29
CA GLU D 121 -12.12 -39.31 45.73
C GLU D 121 -12.31 -37.86 45.28
N ASP D 122 -11.59 -36.94 45.92
CA ASP D 122 -11.70 -35.51 45.60
C ASP D 122 -10.78 -35.06 44.46
N HIS D 123 -9.68 -35.77 44.24
CA HIS D 123 -8.85 -35.49 43.07
C HIS D 123 -9.66 -35.81 41.84
N ILE D 124 -10.23 -37.02 41.84
CA ILE D 124 -11.04 -37.52 40.74
C ILE D 124 -12.28 -36.66 40.52
N LYS D 125 -12.88 -36.20 41.60
CA LYS D 125 -14.05 -35.32 41.50
C LYS D 125 -13.73 -34.06 40.71
N SER D 126 -12.65 -33.38 41.10
CA SER D 126 -12.23 -32.16 40.43
C SER D 126 -11.69 -32.45 39.03
N PHE D 127 -11.21 -33.66 38.81
CA PHE D 127 -10.62 -34.04 37.53
C PHE D 127 -11.68 -34.43 36.51
N MET D 128 -12.55 -35.36 36.89
CA MET D 128 -13.63 -35.82 36.02
C MET D 128 -14.63 -34.70 35.72
N LYS D 129 -14.81 -33.79 36.67
CA LYS D 129 -15.71 -32.66 36.48
C LYS D 129 -15.25 -31.80 35.31
N GLN D 130 -14.04 -31.27 35.41
CA GLN D 130 -13.46 -30.40 34.38
C GLN D 130 -13.49 -31.05 33.00
N LEU D 131 -13.25 -32.36 32.96
CA LEU D 131 -13.21 -33.10 31.70
C LEU D 131 -14.55 -33.07 30.98
N MET D 132 -15.63 -33.30 31.73
CA MET D 132 -16.96 -33.37 31.15
C MET D 132 -17.53 -32.00 30.80
N GLU D 133 -17.11 -30.98 31.56
CA GLU D 133 -17.51 -29.61 31.26
C GLU D 133 -16.93 -29.14 29.93
N GLY D 134 -15.77 -29.69 29.59
CA GLY D 134 -15.13 -29.40 28.32
C GLY D 134 -15.80 -30.10 27.16
N LEU D 135 -16.24 -31.34 27.39
CA LEU D 135 -16.90 -32.12 26.36
C LEU D 135 -18.25 -31.54 25.96
N GLU D 136 -19.02 -31.07 26.95
CA GLU D 136 -20.32 -30.47 26.66
C GLU D 136 -20.16 -29.22 25.81
N TYR D 137 -19.09 -28.49 26.04
CA TYR D 137 -18.77 -27.31 25.24
C TYR D 137 -18.44 -27.72 23.81
N CYS D 138 -17.68 -28.81 23.68
CA CYS D 138 -17.29 -29.33 22.39
C CYS D 138 -18.49 -29.96 21.66
N HIS D 139 -19.38 -30.58 22.44
CA HIS D 139 -20.54 -31.25 21.86
C HIS D 139 -21.65 -30.27 21.51
N LYS D 140 -21.78 -29.20 22.28
CA LYS D 140 -22.73 -28.15 21.98
C LYS D 140 -22.28 -27.38 20.74
N LYS D 141 -20.96 -27.34 20.53
CA LYS D 141 -20.38 -26.74 19.34
C LYS D 141 -20.37 -27.75 18.19
N ASN D 142 -21.01 -28.90 18.41
CA ASN D 142 -21.14 -29.96 17.42
C ASN D 142 -19.80 -30.53 16.97
N PHE D 143 -18.92 -30.78 17.93
CA PHE D 143 -17.62 -31.38 17.64
C PHE D 143 -17.42 -32.70 18.37
N LEU D 144 -16.96 -33.71 17.62
CA LEU D 144 -16.58 -34.99 18.21
C LEU D 144 -15.07 -34.99 18.45
N HIS D 145 -14.64 -35.37 19.64
CA HIS D 145 -13.20 -35.43 19.92
C HIS D 145 -12.54 -36.57 19.16
N ARG D 146 -13.13 -37.75 19.27
CA ARG D 146 -12.74 -38.93 18.51
C ARG D 146 -11.31 -39.43 18.79
N ASP D 147 -10.78 -39.10 19.97
CA ASP D 147 -9.48 -39.61 20.38
C ASP D 147 -9.21 -39.32 21.86
N ILE D 148 -10.24 -39.52 22.70
CA ILE D 148 -10.11 -39.27 24.12
C ILE D 148 -9.38 -40.41 24.82
N LYS D 149 -8.28 -40.08 25.49
CA LYS D 149 -7.54 -41.05 26.28
C LYS D 149 -6.79 -40.37 27.42
N CYS D 150 -6.20 -41.18 28.30
CA CYS D 150 -5.52 -40.67 29.48
C CYS D 150 -4.31 -39.80 29.13
N SER D 151 -3.66 -40.13 28.01
CA SER D 151 -2.50 -39.37 27.57
C SER D 151 -2.90 -38.02 27.00
N ASN D 152 -4.10 -37.96 26.42
CA ASN D 152 -4.59 -36.73 25.81
C ASN D 152 -5.26 -35.79 26.81
N ILE D 153 -5.19 -36.15 28.09
CA ILE D 153 -5.72 -35.30 29.15
C ILE D 153 -4.58 -34.64 29.91
N LEU D 154 -4.49 -33.32 29.79
CA LEU D 154 -3.36 -32.56 30.33
C LEU D 154 -3.68 -32.01 31.72
N LEU D 155 -2.76 -32.21 32.66
CA LEU D 155 -2.92 -31.71 34.03
C LEU D 155 -1.68 -30.95 34.49
N ASN D 156 -1.90 -29.76 35.06
CA ASN D 156 -0.80 -28.94 35.56
C ASN D 156 -0.63 -29.06 37.07
N ASN D 157 0.29 -28.27 37.62
CA ASN D 157 0.61 -28.33 39.04
C ASN D 157 -0.39 -27.57 39.91
N SER D 158 -1.37 -26.94 39.27
CA SER D 158 -2.38 -26.18 40.01
C SER D 158 -3.77 -26.79 39.85
N GLY D 159 -3.83 -28.11 39.76
CA GLY D 159 -5.10 -28.84 39.76
C GLY D 159 -5.92 -28.72 38.48
N GLN D 160 -5.56 -27.78 37.61
CA GLN D 160 -6.32 -27.57 36.38
C GLN D 160 -6.09 -28.68 35.37
N ILE D 161 -7.17 -29.08 34.69
CA ILE D 161 -7.10 -30.13 33.69
C ILE D 161 -7.66 -29.67 32.34
N LYS D 162 -6.96 -30.00 31.26
CA LYS D 162 -7.39 -29.63 29.92
C LYS D 162 -7.40 -30.84 28.97
N LEU D 163 -8.35 -30.84 28.04
CA LEU D 163 -8.45 -31.89 27.04
C LEU D 163 -7.72 -31.48 25.76
N ALA D 164 -6.89 -32.37 25.23
CA ALA D 164 -6.02 -32.04 24.11
C ALA D 164 -6.19 -32.97 22.92
N ASP D 165 -5.40 -32.73 21.87
CA ASP D 165 -5.37 -33.55 20.67
C ASP D 165 -6.70 -33.55 19.92
N PHE D 166 -6.98 -32.45 19.21
CA PHE D 166 -8.21 -32.34 18.44
C PHE D 166 -7.94 -32.61 16.96
N GLY D 167 -6.89 -33.39 16.70
CA GLY D 167 -6.51 -33.73 15.33
C GLY D 167 -7.54 -34.58 14.62
N LEU D 168 -8.04 -35.59 15.32
CA LEU D 168 -9.02 -36.51 14.75
C LEU D 168 -10.45 -36.03 14.97
N ALA D 169 -10.59 -34.77 15.37
CA ALA D 169 -11.90 -34.19 15.65
C ALA D 169 -12.67 -33.88 14.37
N ARG D 170 -14.00 -33.96 14.46
CA ARG D 170 -14.87 -33.69 13.32
C ARG D 170 -16.19 -33.05 13.76
N LEU D 171 -16.93 -32.53 12.78
CA LEU D 171 -18.23 -31.92 13.04
C LEU D 171 -19.33 -32.97 12.97
N TYR D 172 -20.38 -32.80 13.77
CA TYR D 172 -21.46 -33.79 13.84
C TYR D 172 -22.81 -33.22 13.43
N ASN D 173 -23.60 -34.04 12.75
CA ASN D 173 -24.95 -33.70 12.31
C ASN D 173 -24.99 -32.44 11.45
N PRO D 179 -22.12 -40.24 7.73
CA PRO D 179 -21.23 -41.39 7.84
C PRO D 179 -19.77 -40.98 8.03
N TYR D 180 -19.19 -41.37 9.15
CA TYR D 180 -17.83 -40.99 9.49
C TYR D 180 -16.86 -42.17 9.41
N ASN D 182 -14.63 -45.31 10.89
CA ASN D 182 -14.87 -46.35 11.88
C ASN D 182 -13.74 -46.48 12.90
N LYS D 183 -12.52 -46.69 12.42
CA LYS D 183 -11.36 -46.87 13.29
C LYS D 183 -11.04 -45.59 14.05
N VAL D 184 -11.59 -45.47 15.26
CA VAL D 184 -11.53 -44.24 16.04
C VAL D 184 -11.28 -44.57 17.52
N ILE D 185 -10.72 -43.60 18.26
CA ILE D 185 -10.55 -43.64 19.73
C ILE D 185 -9.40 -44.57 20.14
N THR D 186 -8.92 -45.38 19.20
CA THR D 186 -7.95 -46.45 19.45
C THR D 186 -8.58 -47.56 20.30
N LEU D 187 -8.00 -48.76 20.21
CA LEU D 187 -8.66 -49.97 20.69
C LEU D 187 -9.06 -49.95 22.17
N TRP D 188 -8.13 -49.57 23.04
CA TRP D 188 -8.34 -49.68 24.48
C TRP D 188 -9.55 -48.92 25.00
N TYR D 189 -9.80 -47.73 24.44
CA TYR D 189 -10.88 -46.88 24.94
C TYR D 189 -12.03 -46.82 23.94
N ARG D 190 -11.99 -47.70 22.95
CA ARG D 190 -12.99 -47.69 21.87
C ARG D 190 -14.33 -48.25 22.33
N PRO D 191 -15.42 -47.53 22.02
CA PRO D 191 -16.79 -47.96 22.35
C PRO D 191 -17.17 -49.25 21.62
N PRO D 192 -18.18 -49.97 22.16
CA PRO D 192 -18.64 -51.23 21.56
C PRO D 192 -19.27 -51.04 20.18
N GLU D 193 -19.80 -49.85 19.92
CA GLU D 193 -20.45 -49.56 18.66
C GLU D 193 -19.45 -49.53 17.50
N LEU D 194 -18.29 -48.93 17.74
CA LEU D 194 -17.24 -48.83 16.74
C LEU D 194 -16.62 -50.20 16.49
N LEU D 195 -16.56 -51.01 17.54
CA LEU D 195 -15.98 -52.35 17.45
C LEU D 195 -16.85 -53.27 16.61
N LEU D 196 -18.10 -52.86 16.37
CA LEU D 196 -19.03 -53.68 15.60
C LEU D 196 -19.26 -53.14 14.20
N GLY D 197 -18.62 -52.01 13.88
CA GLY D 197 -18.66 -51.48 12.53
C GLY D 197 -19.60 -50.33 12.31
N GLU D 198 -19.85 -49.54 13.36
CA GLU D 198 -20.69 -48.36 13.23
C GLU D 198 -19.95 -47.26 12.47
N GLU D 199 -20.68 -46.56 11.60
CA GLU D 199 -20.09 -45.48 10.82
C GLU D 199 -20.86 -44.18 11.01
N ARG D 200 -22.17 -44.28 11.25
CA ARG D 200 -23.00 -43.12 11.51
C ARG D 200 -23.29 -43.01 13.01
N TYR D 201 -22.29 -42.58 13.78
CA TYR D 201 -22.42 -42.58 15.23
C TYR D 201 -22.66 -41.19 15.83
N THR D 202 -22.69 -41.14 17.15
CA THR D 202 -23.05 -39.94 17.90
C THR D 202 -21.90 -39.52 18.85
N PRO D 203 -22.01 -38.33 19.47
CA PRO D 203 -21.03 -37.94 20.50
C PRO D 203 -20.91 -38.91 21.68
N ALA D 204 -21.74 -39.95 21.71
CA ALA D 204 -21.71 -40.93 22.79
C ALA D 204 -20.41 -41.73 22.80
N ILE D 205 -19.65 -41.66 21.71
CA ILE D 205 -18.38 -42.36 21.62
C ILE D 205 -17.34 -41.70 22.52
N ASP D 206 -17.49 -40.40 22.74
CA ASP D 206 -16.60 -39.65 23.62
C ASP D 206 -16.90 -39.93 25.08
N VAL D 207 -18.17 -40.15 25.39
CA VAL D 207 -18.61 -40.43 26.76
C VAL D 207 -18.09 -41.78 27.24
N TRP D 208 -18.08 -42.76 26.35
CA TRP D 208 -17.57 -44.08 26.67
C TRP D 208 -16.09 -44.02 27.06
N SER D 209 -15.34 -43.19 26.34
CA SER D 209 -13.93 -43.03 26.60
C SER D 209 -13.68 -42.47 28.00
N CYS D 210 -14.46 -41.46 28.37
CA CYS D 210 -14.37 -40.87 29.70
C CYS D 210 -14.73 -41.88 30.79
N GLY D 211 -15.63 -42.78 30.47
CA GLY D 211 -16.00 -43.85 31.38
C GLY D 211 -14.84 -44.80 31.62
N CYS D 212 -14.07 -45.06 30.56
CA CYS D 212 -12.90 -45.93 30.65
C CYS D 212 -11.78 -45.25 31.43
N ILE D 213 -11.83 -43.93 31.51
CA ILE D 213 -10.84 -43.15 32.25
C ILE D 213 -11.24 -43.01 33.71
N LEU D 214 -12.54 -42.79 33.94
CA LEU D 214 -13.08 -42.70 35.29
C LEU D 214 -12.80 -43.97 36.09
N GLY D 215 -13.00 -45.12 35.45
CA GLY D 215 -12.73 -46.40 36.07
C GLY D 215 -11.24 -46.65 36.19
N GLU D 216 -10.48 -46.12 35.25
CA GLU D 216 -9.02 -46.24 35.26
C GLU D 216 -8.40 -45.58 36.49
N LEU D 217 -8.92 -44.42 36.85
CA LEU D 217 -8.40 -43.64 37.98
C LEU D 217 -8.49 -44.40 39.30
N PHE D 218 -9.56 -45.18 39.47
CA PHE D 218 -9.76 -45.94 40.69
C PHE D 218 -8.97 -47.25 40.69
N THR D 219 -8.51 -47.67 39.52
CA THR D 219 -7.80 -48.93 39.38
C THR D 219 -6.37 -48.74 38.89
N LYS D 220 -5.96 -47.48 38.73
CA LYS D 220 -4.61 -47.12 38.29
C LYS D 220 -4.27 -47.61 36.88
N LYS D 221 -4.81 -48.75 36.48
CA LYS D 221 -4.61 -49.30 35.15
C LYS D 221 -5.90 -49.32 34.35
N PRO D 222 -5.79 -49.20 33.00
CA PRO D 222 -6.95 -49.26 32.13
C PRO D 222 -7.80 -50.51 32.37
N ILE D 223 -9.12 -50.41 32.20
CA ILE D 223 -10.04 -51.49 32.51
C ILE D 223 -10.20 -52.48 31.35
N PHE D 224 -9.91 -52.03 30.14
CA PHE D 224 -9.99 -52.89 28.96
C PHE D 224 -8.68 -52.85 28.19
N GLN D 225 -7.87 -53.89 28.35
CA GLN D 225 -6.57 -53.97 27.67
C GLN D 225 -6.48 -55.16 26.74
N ALA D 226 -6.59 -54.91 25.44
CA ALA D 226 -6.48 -55.96 24.44
C ALA D 226 -5.70 -55.50 23.22
N ASN D 227 -5.19 -56.44 22.45
CA ASN D 227 -4.45 -56.14 21.23
C ASN D 227 -5.31 -56.29 19.97
N LEU D 228 -6.28 -57.20 20.05
CA LEU D 228 -7.19 -57.44 18.93
C LEU D 228 -8.56 -56.82 19.21
N GLU D 229 -9.30 -56.54 18.14
CA GLU D 229 -10.62 -55.91 18.27
C GLU D 229 -11.66 -56.91 18.76
N LEU D 230 -11.53 -58.17 18.37
CA LEU D 230 -12.43 -59.21 18.84
C LEU D 230 -12.26 -59.47 20.33
N ALA D 231 -11.00 -59.52 20.78
CA ALA D 231 -10.70 -59.73 22.19
C ALA D 231 -11.21 -58.55 23.03
N GLN D 232 -11.06 -57.35 22.50
CA GLN D 232 -11.48 -56.14 23.19
C GLN D 232 -12.98 -56.15 23.44
N LEU D 233 -13.74 -56.61 22.47
CA LEU D 233 -15.20 -56.69 22.60
C LEU D 233 -15.60 -57.71 23.65
N GLU D 234 -14.86 -58.81 23.72
CA GLU D 234 -15.13 -59.85 24.70
C GLU D 234 -14.79 -59.38 26.11
N LEU D 235 -13.71 -58.61 26.22
CA LEU D 235 -13.27 -58.07 27.49
C LEU D 235 -14.32 -57.11 28.06
N ILE D 236 -14.90 -56.31 27.18
CA ILE D 236 -15.97 -55.40 27.58
C ILE D 236 -17.21 -56.20 27.97
N SER D 237 -17.48 -57.25 27.21
CA SER D 237 -18.64 -58.11 27.46
C SER D 237 -18.57 -58.78 28.82
N ARG D 238 -17.39 -59.26 29.18
CA ARG D 238 -17.19 -59.96 30.46
C ARG D 238 -17.54 -59.09 31.66
N LEU D 239 -17.50 -57.77 31.49
CA LEU D 239 -17.73 -56.85 32.60
C LEU D 239 -19.01 -56.04 32.43
N CYS D 240 -19.33 -55.65 31.20
CA CYS D 240 -20.49 -54.82 30.94
C CYS D 240 -21.69 -55.61 30.42
N GLY D 241 -21.47 -56.88 30.10
CA GLY D 241 -22.52 -57.72 29.58
C GLY D 241 -22.48 -57.83 28.06
N SER D 242 -22.89 -58.97 27.53
CA SER D 242 -22.92 -59.19 26.09
C SER D 242 -24.00 -58.34 25.42
N PRO D 243 -23.73 -57.86 24.20
CA PRO D 243 -24.66 -57.03 23.42
C PRO D 243 -25.92 -57.77 22.98
N CYS D 244 -26.91 -57.86 23.86
CA CYS D 244 -28.18 -58.48 23.52
C CYS D 244 -29.20 -57.41 23.09
N PRO D 245 -30.17 -57.79 22.23
CA PRO D 245 -31.21 -56.87 21.76
C PRO D 245 -32.10 -56.34 22.89
N ALA D 246 -32.17 -57.09 23.98
CA ALA D 246 -32.95 -56.66 25.15
C ALA D 246 -32.31 -55.43 25.79
N VAL D 247 -30.97 -55.42 25.82
CA VAL D 247 -30.23 -54.31 26.40
C VAL D 247 -29.91 -53.27 25.32
N TRP D 248 -29.94 -53.71 24.07
CA TRP D 248 -29.51 -52.88 22.95
C TRP D 248 -30.19 -53.35 21.68
N PRO D 249 -31.41 -52.83 21.42
CA PRO D 249 -32.27 -53.28 20.31
C PRO D 249 -31.66 -53.11 18.93
N ASP D 250 -30.92 -52.02 18.72
CA ASP D 250 -30.37 -51.73 17.39
C ASP D 250 -28.99 -52.31 17.16
N VAL D 251 -28.58 -53.24 18.03
CA VAL D 251 -27.27 -53.87 17.90
C VAL D 251 -27.27 -54.85 16.72
N ILE D 252 -28.47 -55.25 16.30
CA ILE D 252 -28.64 -56.19 15.21
C ILE D 252 -28.38 -55.53 13.86
N LYS D 253 -28.49 -54.20 13.82
CA LYS D 253 -28.30 -53.45 12.60
C LYS D 253 -26.84 -53.10 12.35
N LEU D 254 -25.93 -53.74 13.09
CA LEU D 254 -24.51 -53.51 12.94
C LEU D 254 -23.87 -54.64 12.13
N PRO D 255 -22.97 -54.28 11.20
CA PRO D 255 -22.35 -55.21 10.24
C PRO D 255 -21.65 -56.40 10.88
N TYR D 256 -20.94 -56.17 11.98
CA TYR D 256 -20.12 -57.21 12.60
C TYR D 256 -20.75 -57.78 13.87
N PHE D 257 -22.08 -57.76 13.95
CA PHE D 257 -22.77 -58.24 15.14
C PHE D 257 -22.74 -59.76 15.25
N ASN D 258 -23.24 -60.44 14.22
CA ASN D 258 -23.29 -61.90 14.22
C ASN D 258 -21.93 -62.54 13.98
N THR D 259 -20.96 -61.73 13.56
CA THR D 259 -19.64 -62.24 13.24
C THR D 259 -18.63 -62.00 14.36
N MET D 260 -19.06 -61.30 15.40
CA MET D 260 -18.19 -61.02 16.53
C MET D 260 -18.84 -61.39 17.86
N LYS D 261 -19.67 -62.43 17.83
CA LYS D 261 -20.31 -62.92 19.04
C LYS D 261 -19.28 -63.55 19.97
N PRO D 262 -19.18 -63.03 21.21
CA PRO D 262 -18.20 -63.51 22.18
C PRO D 262 -18.52 -64.89 22.74
N LYS D 263 -17.61 -65.45 23.52
CA LYS D 263 -17.81 -66.76 24.13
C LYS D 263 -18.98 -66.71 25.11
N LYS D 264 -20.11 -67.29 24.71
CA LYS D 264 -21.34 -67.29 25.48
C LYS D 264 -21.86 -65.87 25.73
N GLN D 265 -22.95 -65.76 26.47
CA GLN D 265 -23.47 -64.46 26.88
C GLN D 265 -22.93 -64.13 28.27
N TYR D 266 -22.79 -62.85 28.56
CA TYR D 266 -22.27 -62.43 29.85
C TYR D 266 -23.25 -61.53 30.60
N ARG D 267 -23.30 -61.72 31.92
CA ARG D 267 -24.12 -60.87 32.77
C ARG D 267 -23.31 -59.67 33.23
N ARG D 268 -23.93 -58.50 33.23
CA ARG D 268 -23.26 -57.26 33.59
C ARG D 268 -22.81 -57.28 35.05
N ARG D 269 -21.57 -57.70 35.28
CA ARG D 269 -21.01 -57.77 36.62
C ARG D 269 -20.09 -56.58 36.88
N LEU D 270 -20.52 -55.40 36.43
CA LEU D 270 -19.73 -54.18 36.55
C LEU D 270 -19.63 -53.75 38.01
N ARG D 271 -20.78 -53.71 38.68
CA ARG D 271 -20.84 -53.27 40.08
C ARG D 271 -20.12 -54.23 41.02
N GLU D 272 -19.99 -55.49 40.60
CA GLU D 272 -19.36 -56.50 41.43
C GLU D 272 -17.84 -56.33 41.50
N GLU D 273 -17.22 -56.02 40.37
CA GLU D 273 -15.77 -55.92 40.31
C GLU D 273 -15.27 -54.52 40.70
N PHE D 274 -16.19 -53.60 40.92
CA PHE D 274 -15.82 -52.25 41.34
C PHE D 274 -16.51 -51.85 42.63
N SER D 275 -16.63 -52.78 43.57
CA SER D 275 -17.32 -52.53 44.83
C SER D 275 -16.67 -51.42 45.64
N PHE D 276 -15.34 -51.35 45.59
CA PHE D 276 -14.57 -50.36 46.33
C PHE D 276 -14.91 -48.92 45.93
N ILE D 277 -15.28 -48.73 44.67
CA ILE D 277 -15.70 -47.43 44.16
C ILE D 277 -16.95 -46.95 44.89
N PRO D 278 -16.94 -45.69 45.35
CA PRO D 278 -18.08 -45.06 46.04
C PRO D 278 -19.40 -45.24 45.29
N SER D 279 -20.50 -45.30 46.04
CA SER D 279 -21.82 -45.54 45.45
C SER D 279 -22.23 -44.43 44.49
N ALA D 280 -21.90 -43.19 44.85
CA ALA D 280 -22.21 -42.04 44.02
C ALA D 280 -21.37 -42.02 42.75
N ALA D 281 -20.12 -42.45 42.88
CA ALA D 281 -19.19 -42.45 41.75
C ALA D 281 -19.48 -43.55 40.76
N LEU D 282 -19.92 -44.70 41.26
CA LEU D 282 -20.15 -45.87 40.40
C LEU D 282 -21.43 -45.71 39.59
N ASP D 283 -22.37 -44.94 40.11
CA ASP D 283 -23.62 -44.67 39.40
C ASP D 283 -23.31 -43.93 38.10
N LEU D 284 -22.32 -43.05 38.16
CA LEU D 284 -21.84 -42.35 36.97
C LEU D 284 -21.10 -43.31 36.05
N LEU D 285 -20.24 -44.13 36.64
CA LEU D 285 -19.43 -45.09 35.89
C LEU D 285 -20.29 -46.14 35.20
N ASP D 286 -21.39 -46.52 35.84
CA ASP D 286 -22.29 -47.52 35.29
C ASP D 286 -23.08 -46.97 34.11
N HIS D 287 -23.45 -45.70 34.22
CA HIS D 287 -24.28 -45.05 33.20
C HIS D 287 -23.44 -44.63 31.99
N MET D 288 -22.17 -44.33 32.23
CA MET D 288 -21.26 -43.99 31.15
C MET D 288 -20.91 -45.21 30.31
N LEU D 289 -20.83 -46.37 30.97
CA LEU D 289 -20.42 -47.60 30.30
C LEU D 289 -21.59 -48.50 29.96
N THR D 290 -22.69 -47.89 29.51
CA THR D 290 -23.83 -48.65 29.02
C THR D 290 -23.63 -48.96 27.54
N LEU D 291 -24.02 -50.16 27.13
CA LEU D 291 -23.79 -50.62 25.77
C LEU D 291 -24.51 -49.78 24.72
N ASP D 292 -25.82 -49.62 24.89
CA ASP D 292 -26.63 -48.86 23.94
C ASP D 292 -26.26 -47.37 24.00
N PRO D 293 -25.80 -46.83 22.87
CA PRO D 293 -25.42 -45.41 22.75
C PRO D 293 -26.61 -44.47 23.01
N SER D 294 -27.79 -44.86 22.53
CA SER D 294 -28.99 -44.06 22.71
C SER D 294 -29.45 -44.04 24.17
N LYS D 295 -29.10 -45.09 24.91
CA LYS D 295 -29.45 -45.19 26.32
C LYS D 295 -28.23 -44.90 27.20
N ARG D 296 -27.37 -44.02 26.72
CA ARG D 296 -26.12 -43.70 27.41
C ARG D 296 -26.07 -42.22 27.80
N CYS D 297 -25.40 -41.93 28.91
CA CYS D 297 -25.26 -40.55 29.38
C CYS D 297 -24.60 -39.64 28.35
N THR D 298 -25.09 -38.42 28.27
CA THR D 298 -24.47 -37.39 27.46
C THR D 298 -23.55 -36.57 28.37
N ALA D 299 -22.92 -35.54 27.82
CA ALA D 299 -22.02 -34.71 28.60
C ALA D 299 -22.80 -33.87 29.61
N GLU D 300 -23.94 -33.33 29.16
CA GLU D 300 -24.79 -32.50 30.01
C GLU D 300 -25.40 -33.29 31.17
N GLN D 301 -25.71 -34.56 30.92
CA GLN D 301 -26.35 -35.41 31.93
C GLN D 301 -25.41 -35.76 33.07
N THR D 302 -24.13 -35.94 32.76
CA THR D 302 -23.14 -36.33 33.77
C THR D 302 -22.89 -35.19 34.75
N LEU D 303 -23.21 -33.97 34.32
CA LEU D 303 -23.06 -32.80 35.18
C LEU D 303 -24.21 -32.69 36.19
N GLN D 304 -25.12 -33.66 36.15
CA GLN D 304 -26.28 -33.67 37.04
C GLN D 304 -26.27 -34.91 37.91
N SER D 305 -25.23 -35.73 37.78
CA SER D 305 -25.11 -36.93 38.59
C SER D 305 -24.72 -36.57 40.03
N ASP D 306 -24.77 -37.56 40.91
CA ASP D 306 -24.47 -37.33 42.32
C ASP D 306 -23.00 -37.00 42.55
N PHE D 307 -22.14 -37.60 41.75
CA PHE D 307 -20.68 -37.50 41.94
C PHE D 307 -20.07 -36.22 41.38
N LEU D 308 -20.87 -35.38 40.72
CA LEU D 308 -20.32 -34.19 40.09
C LEU D 308 -21.26 -32.98 39.98
N LYS D 309 -22.44 -33.08 40.59
CA LYS D 309 -23.39 -31.97 40.53
C LYS D 309 -23.06 -30.88 41.54
N ASP D 310 -22.51 -31.28 42.68
CA ASP D 310 -22.30 -30.36 43.80
C ASP D 310 -20.88 -29.79 43.87
N VAL D 311 -19.98 -30.34 43.05
CA VAL D 311 -18.58 -29.90 43.01
C VAL D 311 -18.43 -28.37 42.96
N GLU D 312 -17.50 -27.84 43.74
CA GLU D 312 -17.22 -26.42 43.74
C GLU D 312 -16.20 -26.04 42.66
#